data_4N5G
#
_entry.id   4N5G
#
_cell.length_a   46.585
_cell.length_b   98.830
_cell.length_c   110.579
_cell.angle_alpha   90.00
_cell.angle_beta   99.02
_cell.angle_gamma   90.00
#
_symmetry.space_group_name_H-M   'P 1 21 1'
#
loop_
_entity.id
_entity.type
_entity.pdbx_description
1 polymer 'Retinoic acid receptor RXR-alpha'
2 non-polymer 5-(2-{(1Z)-5-fluoro-2-methyl-1-[4-(propan-2-yl)benzylidene]-1H-inden-3-yl}ethyl)-1H-tetrazole
3 water water
#
_entity_poly.entity_id   1
_entity_poly.type   'polypeptide(L)'
_entity_poly.pdbx_seq_one_letter_code
;GSHMTSSANEDMPVERILEAELAVEPKTETYVEANMGLNPSSPNDPVTNICQAADKQLFTLVEWAKRIPHFSELPLDDQV
ILLRAGWNELLIASFSHRSIAVKDGILLATGLHVHRNSAHSAGVGAIFDRVLTELVSKMRDMQMDKTELGCLRAIVLFNP
DSKGLSNPAEVEALREKVYASLEAYCKHKYPEQPGRFAKLLLRLPALRSIGLKCLEHLFFFKLIGDTPIDTFLMEMLEAP
HQMT
;
_entity_poly.pdbx_strand_id   A,B,C,D
#
# COMPACT_ATOMS: atom_id res chain seq x y z
N ASP A 45 -17.15 25.76 11.37
CA ASP A 45 -16.04 24.94 11.85
C ASP A 45 -15.23 24.36 10.70
N PRO A 46 -13.89 24.36 10.84
CA PRO A 46 -12.93 23.95 9.81
C PRO A 46 -13.29 22.63 9.12
N VAL A 47 -13.81 21.68 9.89
CA VAL A 47 -14.15 20.36 9.38
C VAL A 47 -15.35 20.40 8.43
N THR A 48 -16.43 21.05 8.87
CA THR A 48 -17.64 21.16 8.06
C THR A 48 -17.36 21.90 6.76
N ASN A 49 -16.50 22.91 6.82
CA ASN A 49 -16.09 23.67 5.65
C ASN A 49 -15.48 22.76 4.58
N ILE A 50 -14.64 21.83 5.02
CA ILE A 50 -13.97 20.91 4.11
C ILE A 50 -14.95 19.95 3.43
N CYS A 51 -15.85 19.37 4.21
CA CYS A 51 -16.86 18.46 3.67
C CYS A 51 -17.81 19.20 2.73
N GLN A 52 -18.15 20.44 3.09
CA GLN A 52 -19.00 21.27 2.24
C GLN A 52 -18.29 21.60 0.94
N ALA A 53 -16.99 21.91 1.02
CA ALA A 53 -16.19 22.20 -0.15
C ALA A 53 -16.07 20.96 -1.04
N ALA A 54 -15.95 19.81 -0.39
CA ALA A 54 -15.86 18.53 -1.10
C ALA A 54 -17.12 18.26 -1.91
N ASP A 55 -18.28 18.46 -1.28
CA ASP A 55 -19.58 18.27 -1.93
C ASP A 55 -19.72 19.18 -3.15
N LYS A 56 -19.31 20.43 -3.00
CA LYS A 56 -19.38 21.40 -4.09
C LYS A 56 -18.48 20.99 -5.24
N GLN A 57 -17.27 20.54 -4.91
CA GLN A 57 -16.31 20.08 -5.91
C GLN A 57 -16.86 18.87 -6.65
N LEU A 58 -17.57 18.01 -5.91
CA LEU A 58 -18.16 16.81 -6.48
C LEU A 58 -19.31 17.19 -7.41
N PHE A 59 -20.09 18.17 -6.99
CA PHE A 59 -21.18 18.70 -7.81
C PHE A 59 -20.63 19.26 -9.12
N THR A 60 -19.57 20.05 -9.01
CA THR A 60 -18.91 20.66 -10.16
C THR A 60 -18.34 19.60 -11.11
N LEU A 61 -17.82 18.52 -10.53
CA LEU A 61 -17.22 17.46 -11.33
C LEU A 61 -18.26 16.72 -12.15
N VAL A 62 -19.38 16.37 -11.52
CA VAL A 62 -20.46 15.65 -12.21
C VAL A 62 -21.06 16.47 -13.34
N GLU A 63 -21.24 17.77 -13.11
CA GLU A 63 -21.81 18.65 -14.14
C GLU A 63 -20.86 18.81 -15.32
N TRP A 64 -19.56 18.87 -15.02
CA TRP A 64 -18.55 18.96 -16.07
C TRP A 64 -18.60 17.74 -16.96
N ALA A 65 -18.72 16.56 -16.35
CA ALA A 65 -18.78 15.30 -17.08
C ALA A 65 -20.02 15.21 -17.96
N LYS A 66 -21.14 15.73 -17.45
CA LYS A 66 -22.41 15.69 -18.18
C LYS A 66 -22.37 16.56 -19.43
N ARG A 67 -21.45 17.52 -19.45
CA ARG A 67 -21.30 18.39 -20.62
C ARG A 67 -20.22 17.88 -21.58
N ILE A 68 -19.60 16.77 -21.22
CA ILE A 68 -18.67 16.09 -22.13
C ILE A 68 -19.47 15.31 -23.15
N PRO A 69 -19.17 15.54 -24.45
CA PRO A 69 -19.91 14.90 -25.55
C PRO A 69 -20.04 13.39 -25.39
N HIS A 70 -21.27 12.90 -25.47
CA HIS A 70 -21.60 11.47 -25.45
C HIS A 70 -21.40 10.79 -24.10
N PHE A 71 -21.03 11.55 -23.07
CA PHE A 71 -20.87 10.97 -21.74
C PHE A 71 -22.21 10.48 -21.19
N SER A 72 -23.26 11.28 -21.37
CA SER A 72 -24.57 10.96 -20.84
C SER A 72 -25.25 9.85 -21.64
N GLU A 73 -24.65 9.50 -22.77
CA GLU A 73 -25.19 8.45 -23.63
C GLU A 73 -24.71 7.07 -23.20
N LEU A 74 -23.64 7.04 -22.42
CA LEU A 74 -23.16 5.80 -21.83
C LEU A 74 -24.19 5.29 -20.82
N PRO A 75 -24.19 3.97 -20.57
CA PRO A 75 -25.06 3.43 -19.52
C PRO A 75 -24.79 4.10 -18.17
N LEU A 76 -25.84 4.30 -17.38
CA LEU A 76 -25.74 5.03 -16.12
C LEU A 76 -24.72 4.44 -15.16
N ASP A 77 -24.71 3.12 -15.04
CA ASP A 77 -23.78 2.45 -14.14
C ASP A 77 -22.34 2.66 -14.58
N ASP A 78 -22.11 2.71 -15.89
CA ASP A 78 -20.77 2.95 -16.43
C ASP A 78 -20.32 4.39 -16.16
N GLN A 79 -21.25 5.34 -16.26
CA GLN A 79 -20.95 6.72 -15.93
C GLN A 79 -20.46 6.86 -14.49
N VAL A 80 -21.09 6.11 -13.59
CA VAL A 80 -20.75 6.15 -12.18
C VAL A 80 -19.36 5.57 -11.95
N ILE A 81 -19.12 4.39 -12.54
CA ILE A 81 -17.82 3.73 -12.48
C ILE A 81 -16.70 4.65 -12.95
N LEU A 82 -16.93 5.33 -14.09
CA LEU A 82 -15.96 6.25 -14.64
C LEU A 82 -15.67 7.43 -13.72
N LEU A 83 -16.72 8.01 -13.15
CA LEU A 83 -16.55 9.15 -12.25
C LEU A 83 -15.85 8.71 -10.96
N ARG A 84 -16.21 7.54 -10.47
CA ARG A 84 -15.54 6.95 -9.31
C ARG A 84 -14.06 6.68 -9.56
N ALA A 85 -13.75 6.13 -10.72
CA ALA A 85 -12.39 5.72 -11.03
C ALA A 85 -11.50 6.93 -11.34
N GLY A 86 -12.12 8.03 -11.74
CA GLY A 86 -11.36 9.15 -12.28
C GLY A 86 -11.24 10.39 -11.42
N TRP A 87 -12.08 10.52 -10.38
CA TRP A 87 -12.22 11.79 -9.66
C TRP A 87 -10.90 12.30 -9.09
N ASN A 88 -10.04 11.40 -8.63
CA ASN A 88 -8.77 11.79 -8.03
C ASN A 88 -7.83 12.45 -9.05
N GLU A 89 -7.56 11.76 -10.14
CA GLU A 89 -6.72 12.31 -11.20
C GLU A 89 -7.33 13.56 -11.82
N LEU A 90 -8.65 13.54 -12.01
CA LEU A 90 -9.37 14.70 -12.55
C LEU A 90 -9.20 15.93 -11.67
N LEU A 91 -9.30 15.74 -10.35
CA LEU A 91 -9.16 16.84 -9.41
C LEU A 91 -7.71 17.33 -9.35
N ILE A 92 -6.77 16.38 -9.36
CA ILE A 92 -5.34 16.72 -9.32
C ILE A 92 -4.92 17.47 -10.58
N ALA A 93 -5.41 17.02 -11.73
CA ALA A 93 -5.14 17.70 -12.98
C ALA A 93 -5.64 19.13 -12.95
N SER A 94 -6.81 19.33 -12.35
CA SER A 94 -7.43 20.65 -12.28
C SER A 94 -6.64 21.65 -11.44
N PHE A 95 -6.28 21.28 -10.21
CA PHE A 95 -5.61 22.26 -9.35
C PHE A 95 -4.15 22.42 -9.74
N SER A 96 -3.59 21.42 -10.40
CA SER A 96 -2.23 21.53 -10.93
C SER A 96 -2.17 22.63 -11.99
N HIS A 97 -3.10 22.59 -12.94
CA HIS A 97 -3.16 23.59 -13.99
C HIS A 97 -3.52 24.97 -13.44
N ARG A 98 -4.36 24.97 -12.41
CA ARG A 98 -4.76 26.21 -11.75
C ARG A 98 -3.56 26.88 -11.06
N SER A 99 -2.56 26.08 -10.71
CA SER A 99 -1.45 26.56 -9.89
C SER A 99 -0.24 27.01 -10.72
N ILE A 100 -0.45 27.17 -12.03
N ILE A 100 -0.43 27.21 -12.02
CA ILE A 100 0.60 27.60 -12.94
CA ILE A 100 0.68 27.59 -12.89
C ILE A 100 1.13 28.99 -12.58
C ILE A 100 1.14 29.03 -12.63
N ALA A 101 0.22 29.87 -12.17
CA ALA A 101 0.58 31.25 -11.85
C ALA A 101 1.12 31.38 -10.43
N VAL A 102 1.18 30.26 -9.72
CA VAL A 102 1.70 30.24 -8.35
C VAL A 102 3.11 29.65 -8.30
N LYS A 103 3.97 30.24 -7.46
CA LYS A 103 5.31 29.70 -7.25
C LYS A 103 5.40 28.83 -6.01
N ASP A 104 5.92 27.62 -6.18
CA ASP A 104 6.15 26.66 -5.08
C ASP A 104 4.91 26.38 -4.25
N GLY A 105 3.75 26.27 -4.91
CA GLY A 105 2.52 25.97 -4.21
C GLY A 105 1.38 25.56 -5.12
N ILE A 106 0.25 25.18 -4.53
CA ILE A 106 -0.93 24.82 -5.31
C ILE A 106 -2.16 25.60 -4.84
N LEU A 107 -3.12 25.74 -5.74
CA LEU A 107 -4.39 26.40 -5.42
C LEU A 107 -5.52 25.39 -5.44
N LEU A 108 -6.04 25.06 -4.27
CA LEU A 108 -7.22 24.19 -4.19
C LEU A 108 -8.48 25.03 -4.36
N ALA A 109 -9.51 24.41 -4.92
CA ALA A 109 -10.57 25.12 -5.66
C ALA A 109 -11.41 26.16 -4.90
N THR A 110 -11.13 26.40 -3.63
CA THR A 110 -11.89 27.41 -2.90
C THR A 110 -10.97 28.48 -2.32
N GLY A 111 -10.07 29.00 -3.16
CA GLY A 111 -9.12 30.00 -2.74
C GLY A 111 -8.13 29.46 -1.71
N LEU A 112 -8.13 28.14 -1.55
CA LEU A 112 -7.25 27.47 -0.61
C LEU A 112 -5.86 27.28 -1.19
N HIS A 113 -4.89 28.04 -0.68
CA HIS A 113 -3.52 28.00 -1.16
C HIS A 113 -2.59 27.28 -0.19
N VAL A 114 -1.84 26.31 -0.71
CA VAL A 114 -0.87 25.59 0.09
C VAL A 114 0.53 25.69 -0.49
N HIS A 115 1.46 26.22 0.30
CA HIS A 115 2.85 26.35 -0.11
C HIS A 115 3.63 25.10 0.29
N ARG A 116 4.76 24.87 -0.38
CA ARG A 116 5.51 23.63 -0.21
C ARG A 116 6.11 23.52 1.20
N ASN A 117 6.39 24.66 1.83
CA ASN A 117 6.83 24.68 3.22
C ASN A 117 5.83 24.00 4.15
N SER A 118 4.55 24.26 3.93
CA SER A 118 3.48 23.66 4.72
C SER A 118 3.35 22.17 4.44
N ALA A 119 3.55 21.78 3.18
CA ALA A 119 3.41 20.39 2.79
C ALA A 119 4.46 19.51 3.45
N HIS A 120 5.68 20.04 3.56
CA HIS A 120 6.78 19.32 4.19
C HIS A 120 6.58 19.24 5.69
N SER A 121 5.99 20.29 6.26
CA SER A 121 5.58 20.27 7.66
C SER A 121 4.61 19.14 7.92
N ALA A 122 3.72 18.90 6.96
CA ALA A 122 2.66 17.92 7.11
C ALA A 122 3.11 16.52 6.74
N GLY A 123 4.38 16.38 6.33
CA GLY A 123 4.95 15.08 6.05
C GLY A 123 4.72 14.55 4.65
N VAL A 124 4.23 15.41 3.75
CA VAL A 124 3.97 15.01 2.37
C VAL A 124 4.74 15.86 1.36
N GLY A 125 5.95 16.26 1.74
CA GLY A 125 6.78 17.09 0.89
C GLY A 125 7.19 16.45 -0.43
N ALA A 126 7.48 15.15 -0.38
CA ALA A 126 7.95 14.43 -1.55
C ALA A 126 6.88 14.39 -2.65
N ILE A 127 5.70 13.91 -2.29
CA ILE A 127 4.59 13.82 -3.24
C ILE A 127 4.16 15.21 -3.71
N PHE A 128 4.24 16.19 -2.81
CA PHE A 128 3.90 17.57 -3.14
C PHE A 128 4.87 18.11 -4.18
N ASP A 129 6.16 17.84 -3.99
CA ASP A 129 7.18 18.24 -4.94
C ASP A 129 6.99 17.58 -6.30
N ARG A 130 6.53 16.34 -6.31
CA ARG A 130 6.25 15.63 -7.57
C ARG A 130 5.14 16.34 -8.33
N VAL A 131 4.11 16.76 -7.61
CA VAL A 131 3.02 17.53 -8.20
C VAL A 131 3.56 18.81 -8.80
N LEU A 132 4.46 19.46 -8.08
CA LEU A 132 5.09 20.69 -8.53
C LEU A 132 5.96 20.50 -9.77
N THR A 133 6.81 19.47 -9.75
CA THR A 133 7.81 19.29 -10.80
C THR A 133 7.31 18.53 -12.03
N GLU A 134 6.47 17.53 -11.82
CA GLU A 134 6.04 16.67 -12.91
C GLU A 134 4.75 17.16 -13.58
N LEU A 135 3.97 17.94 -12.86
CA LEU A 135 2.69 18.41 -13.39
C LEU A 135 2.67 19.93 -13.58
N VAL A 136 2.64 20.67 -12.48
CA VAL A 136 2.50 22.13 -12.54
C VAL A 136 3.55 22.83 -13.38
N SER A 137 4.83 22.58 -13.08
CA SER A 137 5.92 23.25 -13.78
C SER A 137 5.97 22.83 -15.25
N LYS A 138 5.58 21.60 -15.54
CA LYS A 138 5.54 21.12 -16.92
C LYS A 138 4.40 21.77 -17.67
N MET A 139 3.26 21.94 -17.00
CA MET A 139 2.12 22.63 -17.56
C MET A 139 2.49 24.09 -17.84
N ARG A 140 3.23 24.69 -16.92
CA ARG A 140 3.70 26.06 -17.07
C ARG A 140 4.66 26.18 -18.26
N ASP A 141 5.65 25.30 -18.32
CA ASP A 141 6.73 25.41 -19.31
C ASP A 141 6.27 25.25 -20.74
N MET A 142 5.27 24.39 -20.95
CA MET A 142 4.76 24.18 -22.31
C MET A 142 3.53 25.06 -22.53
N GLN A 143 3.16 25.80 -21.49
CA GLN A 143 2.00 26.67 -21.51
C GLN A 143 0.74 25.94 -21.97
N MET A 144 0.48 24.79 -21.36
CA MET A 144 -0.76 24.05 -21.60
C MET A 144 -1.97 24.94 -21.38
N ASP A 145 -2.87 25.00 -22.37
CA ASP A 145 -4.04 25.85 -22.23
C ASP A 145 -5.23 25.04 -21.72
N LYS A 146 -6.33 25.73 -21.46
CA LYS A 146 -7.51 25.13 -20.85
C LYS A 146 -8.23 24.13 -21.74
N THR A 147 -8.13 24.31 -23.05
CA THR A 147 -8.72 23.35 -23.99
C THR A 147 -7.96 22.04 -23.94
N GLU A 148 -6.62 22.14 -23.91
CA GLU A 148 -5.76 20.97 -23.80
C GLU A 148 -5.98 20.25 -22.47
N LEU A 149 -6.07 21.01 -21.39
CA LEU A 149 -6.39 20.44 -20.08
C LEU A 149 -7.73 19.69 -20.10
N GLY A 150 -8.74 20.33 -20.69
CA GLY A 150 -10.07 19.75 -20.79
C GLY A 150 -10.06 18.41 -21.49
N CYS A 151 -9.35 18.34 -22.63
CA CYS A 151 -9.24 17.11 -23.39
C CYS A 151 -8.54 16.02 -22.60
N LEU A 152 -7.44 16.37 -21.95
CA LEU A 152 -6.70 15.40 -21.14
C LEU A 152 -7.56 14.88 -19.99
N ARG A 153 -8.35 15.78 -19.40
CA ARG A 153 -9.27 15.38 -18.35
C ARG A 153 -10.38 14.50 -18.91
N ALA A 154 -10.84 14.82 -20.12
CA ALA A 154 -11.84 14.01 -20.80
C ALA A 154 -11.29 12.62 -21.11
N ILE A 155 -10.02 12.55 -21.47
CA ILE A 155 -9.35 11.28 -21.74
C ILE A 155 -9.25 10.46 -20.46
N VAL A 156 -8.90 11.12 -19.37
CA VAL A 156 -8.82 10.47 -18.06
C VAL A 156 -10.18 9.91 -17.67
N LEU A 157 -11.23 10.70 -17.90
CA LEU A 157 -12.59 10.29 -17.57
C LEU A 157 -13.01 9.07 -18.38
N PHE A 158 -12.79 9.11 -19.68
CA PHE A 158 -13.08 7.97 -20.55
C PHE A 158 -11.98 6.91 -20.41
N ASN A 159 -11.97 6.23 -19.27
CA ASN A 159 -10.95 5.24 -18.97
C ASN A 159 -11.47 3.82 -19.16
N PRO A 160 -11.08 3.17 -20.27
CA PRO A 160 -11.60 1.86 -20.66
C PRO A 160 -11.06 0.70 -19.81
N ASP A 161 -10.06 0.99 -18.97
CA ASP A 161 -9.50 -0.03 -18.09
C ASP A 161 -10.23 -0.11 -16.76
N SER A 162 -11.17 0.82 -16.56
CA SER A 162 -11.94 0.88 -15.32
C SER A 162 -12.72 -0.41 -15.09
N LYS A 163 -12.51 -1.02 -13.92
CA LYS A 163 -13.08 -2.33 -13.62
C LYS A 163 -14.60 -2.24 -13.48
N GLY A 164 -15.29 -3.19 -14.08
CA GLY A 164 -16.74 -3.28 -13.97
C GLY A 164 -17.52 -2.62 -15.08
N LEU A 165 -16.82 -1.98 -16.01
CA LEU A 165 -17.48 -1.34 -17.16
C LEU A 165 -18.27 -2.35 -17.98
N SER A 166 -19.51 -2.01 -18.31
CA SER A 166 -20.35 -2.88 -19.13
C SER A 166 -19.91 -2.85 -20.59
N ASN A 167 -19.60 -1.66 -21.09
CA ASN A 167 -19.13 -1.51 -22.46
C ASN A 167 -17.83 -0.72 -22.53
N PRO A 168 -16.69 -1.39 -22.25
CA PRO A 168 -15.37 -0.76 -22.28
C PRO A 168 -15.02 -0.26 -23.68
N ALA A 169 -15.49 -0.96 -24.71
CA ALA A 169 -15.20 -0.61 -26.09
C ALA A 169 -15.80 0.74 -26.48
N GLU A 170 -16.99 1.01 -25.96
N GLU A 170 -16.99 1.04 -25.97
CA GLU A 170 -17.66 2.29 -26.19
CA GLU A 170 -17.62 2.32 -26.23
C GLU A 170 -16.90 3.42 -25.51
C GLU A 170 -16.88 3.44 -25.51
N VAL A 171 -16.41 3.15 -24.31
CA VAL A 171 -15.61 4.11 -23.55
C VAL A 171 -14.31 4.42 -24.27
N GLU A 172 -13.66 3.38 -24.79
CA GLU A 172 -12.42 3.54 -25.55
C GLU A 172 -12.68 4.34 -26.82
N ALA A 173 -13.82 4.08 -27.45
CA ALA A 173 -14.19 4.78 -28.68
C ALA A 173 -14.38 6.27 -28.43
N LEU A 174 -14.96 6.60 -27.28
CA LEU A 174 -15.17 8.00 -26.91
C LEU A 174 -13.84 8.66 -26.56
N ARG A 175 -12.94 7.89 -25.98
CA ARG A 175 -11.59 8.38 -25.67
C ARG A 175 -10.85 8.73 -26.97
N GLU A 176 -10.94 7.86 -27.95
CA GLU A 176 -10.30 8.06 -29.25
C GLU A 176 -10.81 9.30 -29.97
N LYS A 177 -12.12 9.53 -29.90
CA LYS A 177 -12.71 10.71 -30.51
C LYS A 177 -12.21 11.98 -29.81
N VAL A 178 -12.00 11.89 -28.50
CA VAL A 178 -11.45 13.01 -27.75
C VAL A 178 -10.01 13.33 -28.15
N TYR A 179 -9.14 12.31 -28.21
CA TYR A 179 -7.74 12.60 -28.48
C TYR A 179 -7.49 12.86 -29.96
N ALA A 180 -8.41 12.42 -30.81
CA ALA A 180 -8.39 12.81 -32.22
C ALA A 180 -8.66 14.31 -32.30
N SER A 181 -9.61 14.78 -31.49
N SER A 181 -9.60 14.76 -31.48
CA SER A 181 -9.98 16.19 -31.48
CA SER A 181 -10.01 16.16 -31.42
C SER A 181 -8.88 17.05 -30.87
C SER A 181 -8.89 17.03 -30.86
N LEU A 182 -8.18 16.50 -29.88
CA LEU A 182 -7.08 17.21 -29.24
C LEU A 182 -5.89 17.34 -30.18
N GLU A 183 -5.63 16.28 -30.95
CA GLU A 183 -4.55 16.31 -31.94
C GLU A 183 -4.83 17.35 -33.00
N ALA A 184 -6.07 17.39 -33.48
CA ALA A 184 -6.48 18.37 -34.46
C ALA A 184 -6.29 19.78 -33.90
N TYR A 185 -6.60 19.94 -32.62
CA TYR A 185 -6.44 21.23 -31.95
C TYR A 185 -4.98 21.65 -31.88
N CYS A 186 -4.12 20.74 -31.43
CA CYS A 186 -2.69 21.02 -31.31
C CYS A 186 -2.05 21.31 -32.66
N LYS A 187 -2.48 20.57 -33.68
CA LYS A 187 -1.92 20.73 -35.01
C LYS A 187 -2.16 22.12 -35.61
N HIS A 188 -3.34 22.66 -35.38
CA HIS A 188 -3.73 23.93 -36.00
C HIS A 188 -3.47 25.14 -35.12
N LYS A 189 -3.50 24.93 -33.81
CA LYS A 189 -3.22 26.02 -32.88
C LYS A 189 -1.72 26.20 -32.70
N TYR A 190 -0.98 25.09 -32.72
CA TYR A 190 0.47 25.14 -32.58
C TYR A 190 1.17 24.29 -33.64
N PRO A 191 1.03 24.65 -34.93
CA PRO A 191 1.66 23.89 -36.02
C PRO A 191 3.17 23.80 -35.92
N GLU A 192 3.80 24.79 -35.31
CA GLU A 192 5.26 24.81 -35.18
C GLU A 192 5.76 23.91 -34.06
N GLN A 193 4.85 23.27 -33.34
CA GLN A 193 5.23 22.30 -32.31
C GLN A 193 4.65 20.91 -32.60
N PRO A 194 5.28 20.17 -33.52
CA PRO A 194 4.74 18.88 -33.98
C PRO A 194 4.68 17.81 -32.91
N GLY A 195 5.51 17.93 -31.86
CA GLY A 195 5.52 16.97 -30.78
C GLY A 195 4.61 17.30 -29.60
N ARG A 196 3.86 18.38 -29.71
CA ARG A 196 3.07 18.89 -28.59
C ARG A 196 1.96 17.93 -28.15
N PHE A 197 1.24 17.37 -29.12
CA PHE A 197 0.14 16.44 -28.84
C PHE A 197 0.63 15.25 -28.01
N ALA A 198 1.72 14.64 -28.45
CA ALA A 198 2.33 13.53 -27.73
C ALA A 198 2.81 13.96 -26.35
N LYS A 199 3.40 15.15 -26.28
CA LYS A 199 3.91 15.69 -25.03
C LYS A 199 2.80 15.85 -23.98
N LEU A 200 1.62 16.24 -24.45
CA LEU A 200 0.44 16.32 -23.60
C LEU A 200 0.03 14.95 -23.05
N LEU A 201 -0.07 13.97 -23.94
CA LEU A 201 -0.46 12.61 -23.55
C LEU A 201 0.54 11.99 -22.58
N LEU A 202 1.80 12.37 -22.69
CA LEU A 202 2.85 11.76 -21.88
C LEU A 202 3.01 12.41 -20.50
N ARG A 203 2.07 13.27 -20.14
CA ARG A 203 1.97 13.73 -18.76
C ARG A 203 1.01 12.84 -17.98
N LEU A 204 0.25 12.03 -18.71
CA LEU A 204 -0.75 11.15 -18.10
C LEU A 204 -0.15 10.01 -17.26
N PRO A 205 0.99 9.42 -17.68
CA PRO A 205 1.61 8.48 -16.75
C PRO A 205 2.00 9.12 -15.42
N ALA A 206 2.49 10.37 -15.46
CA ALA A 206 2.89 11.06 -14.25
C ALA A 206 1.67 11.36 -13.38
N LEU A 207 0.59 11.79 -14.02
CA LEU A 207 -0.68 12.02 -13.34
C LEU A 207 -1.19 10.75 -12.67
N ARG A 208 -1.09 9.63 -13.37
CA ARG A 208 -1.56 8.34 -12.86
C ARG A 208 -0.86 7.92 -11.56
N SER A 209 0.47 7.98 -11.55
CA SER A 209 1.24 7.54 -10.39
C SER A 209 1.13 8.51 -9.22
N ILE A 210 1.02 9.81 -9.54
CA ILE A 210 0.86 10.84 -8.53
C ILE A 210 -0.51 10.71 -7.87
N GLY A 211 -1.53 10.42 -8.68
CA GLY A 211 -2.86 10.16 -8.16
C GLY A 211 -2.84 9.00 -7.18
N LEU A 212 -2.11 7.95 -7.54
CA LEU A 212 -1.99 6.76 -6.71
C LEU A 212 -1.23 7.06 -5.41
N LYS A 213 -0.12 7.80 -5.54
CA LYS A 213 0.70 8.15 -4.38
C LYS A 213 0.02 9.12 -3.42
N CYS A 214 -0.79 10.02 -3.96
CA CYS A 214 -1.55 10.96 -3.13
C CYS A 214 -2.46 10.22 -2.18
N LEU A 215 -3.23 9.27 -2.70
CA LEU A 215 -4.16 8.48 -1.90
C LEU A 215 -3.44 7.62 -0.87
N GLU A 216 -2.30 7.05 -1.25
CA GLU A 216 -1.56 6.15 -0.37
C GLU A 216 -0.86 6.89 0.77
N HIS A 217 -0.61 8.18 0.58
CA HIS A 217 0.06 8.97 1.60
C HIS A 217 -0.90 9.88 2.36
N LEU A 218 -2.19 9.69 2.12
CA LEU A 218 -3.23 10.53 2.72
C LEU A 218 -2.92 12.01 2.49
N PHE A 219 -2.52 12.30 1.26
CA PHE A 219 -2.08 13.63 0.82
C PHE A 219 -3.02 14.76 1.26
N PHE A 220 -4.30 14.63 0.92
CA PHE A 220 -5.26 15.69 1.20
C PHE A 220 -5.57 15.79 2.70
N PHE A 221 -5.69 14.66 3.37
CA PHE A 221 -5.87 14.67 4.83
C PHE A 221 -4.74 15.41 5.52
N LYS A 222 -3.51 15.10 5.14
CA LYS A 222 -2.34 15.67 5.80
C LYS A 222 -2.18 17.16 5.49
N LEU A 223 -2.75 17.61 4.37
CA LEU A 223 -2.62 19.01 3.99
C LEU A 223 -3.73 19.90 4.54
N ILE A 224 -4.97 19.40 4.57
CA ILE A 224 -6.08 20.25 4.97
C ILE A 224 -6.95 19.67 6.09
N GLY A 225 -6.81 18.37 6.35
CA GLY A 225 -7.60 17.73 7.38
C GLY A 225 -6.94 17.55 8.74
N ASP A 226 -5.61 17.44 8.74
CA ASP A 226 -4.85 17.09 9.94
C ASP A 226 -5.12 18.00 11.15
N THR A 227 -4.86 19.30 10.98
CA THR A 227 -5.04 20.26 12.07
C THR A 227 -6.52 20.44 12.49
N PRO A 228 -7.46 20.54 11.52
CA PRO A 228 -8.86 20.63 11.95
C PRO A 228 -9.33 19.44 12.81
N ILE A 229 -8.74 18.27 12.62
CA ILE A 229 -9.11 17.09 13.38
C ILE A 229 -8.64 17.21 14.84
N ASP A 230 -7.45 17.74 15.03
CA ASP A 230 -6.95 18.05 16.37
C ASP A 230 -7.90 19.01 17.09
N THR A 231 -8.29 20.07 16.38
CA THR A 231 -9.23 21.04 16.91
C THR A 231 -10.57 20.39 17.23
N PHE A 232 -11.07 19.62 16.27
CA PHE A 232 -12.29 18.85 16.42
C PHE A 232 -12.28 17.98 17.69
N LEU A 233 -11.25 17.16 17.81
CA LEU A 233 -11.12 16.25 18.95
C LEU A 233 -11.01 17.00 20.28
N MET A 234 -10.30 18.12 20.27
CA MET A 234 -10.15 18.95 21.46
C MET A 234 -11.51 19.48 21.90
N GLU A 235 -12.32 19.88 20.94
CA GLU A 235 -13.66 20.38 21.22
C GLU A 235 -14.51 19.28 21.87
N MET A 236 -14.39 18.06 21.35
CA MET A 236 -15.09 16.91 21.91
C MET A 236 -14.66 16.60 23.34
N LEU A 237 -13.35 16.68 23.58
CA LEU A 237 -12.80 16.37 24.90
C LEU A 237 -13.11 17.45 25.95
N GLU A 238 -13.37 18.67 25.50
CA GLU A 238 -13.69 19.75 26.43
C GLU A 238 -15.20 19.85 26.70
N ALA A 239 -15.98 19.13 25.90
CA ALA A 239 -17.44 19.12 26.03
C ALA A 239 -17.88 18.56 27.39
N PRO A 240 -19.10 18.90 27.84
CA PRO A 240 -19.58 18.44 29.15
C PRO A 240 -19.69 16.92 29.24
N PRO B 13 16.28 6.35 -37.15
CA PRO B 13 16.58 5.94 -35.77
C PRO B 13 15.76 4.72 -35.36
N VAL B 14 14.62 4.53 -36.02
CA VAL B 14 13.66 3.50 -35.64
C VAL B 14 14.18 2.10 -35.97
N GLU B 15 15.10 2.00 -36.92
CA GLU B 15 15.67 0.70 -37.30
C GLU B 15 16.56 0.15 -36.20
N ARG B 16 17.26 1.04 -35.50
CA ARG B 16 18.16 0.62 -34.43
C ARG B 16 17.40 0.23 -33.17
N ILE B 17 16.24 0.84 -32.98
CA ILE B 17 15.40 0.53 -31.82
C ILE B 17 14.83 -0.87 -31.98
N LEU B 18 14.54 -1.24 -33.22
CA LEU B 18 13.97 -2.55 -33.52
C LEU B 18 15.03 -3.64 -33.41
N GLU B 19 16.29 -3.27 -33.67
CA GLU B 19 17.40 -4.21 -33.57
C GLU B 19 17.86 -4.44 -32.14
N ALA B 20 17.65 -3.45 -31.28
CA ALA B 20 17.94 -3.60 -29.85
C ALA B 20 17.02 -4.64 -29.24
N GLU B 21 15.74 -4.56 -29.61
CA GLU B 21 14.72 -5.47 -29.12
C GLU B 21 14.98 -6.89 -29.60
N LEU B 22 15.38 -7.02 -30.87
CA LEU B 22 15.61 -8.32 -31.48
C LEU B 22 16.77 -9.08 -30.84
N ALA B 23 17.86 -8.37 -30.58
CA ALA B 23 19.03 -9.00 -29.97
C ALA B 23 18.77 -9.38 -28.52
N PRO B 43 22.67 -28.65 -3.33
CA PRO B 43 22.08 -28.23 -4.60
C PRO B 43 20.86 -27.35 -4.40
N ASN B 44 20.68 -26.84 -3.19
CA ASN B 44 19.56 -25.95 -2.87
C ASN B 44 19.99 -24.67 -2.17
N ASP B 45 20.12 -23.61 -2.95
CA ASP B 45 20.22 -22.26 -2.42
C ASP B 45 19.24 -21.36 -3.16
N PRO B 46 17.98 -21.35 -2.70
CA PRO B 46 16.84 -20.78 -3.44
C PRO B 46 16.95 -19.27 -3.71
N VAL B 47 17.39 -18.50 -2.72
CA VAL B 47 17.48 -17.06 -2.89
C VAL B 47 18.60 -16.72 -3.86
N THR B 48 19.75 -17.38 -3.69
CA THR B 48 20.88 -17.21 -4.60
C THR B 48 20.47 -17.57 -6.02
N ASN B 49 19.71 -18.66 -6.14
N ASN B 49 19.70 -18.65 -6.17
CA ASN B 49 19.17 -19.11 -7.42
CA ASN B 49 19.22 -19.06 -7.48
C ASN B 49 18.27 -18.04 -8.03
C ASN B 49 18.24 -18.03 -8.06
N ILE B 50 17.47 -17.40 -7.18
CA ILE B 50 16.56 -16.34 -7.61
C ILE B 50 17.34 -15.08 -8.02
N CYS B 51 18.35 -14.74 -7.23
CA CYS B 51 19.19 -13.58 -7.53
C CYS B 51 19.91 -13.71 -8.88
N GLN B 52 20.40 -14.90 -9.19
CA GLN B 52 21.07 -15.14 -10.47
C GLN B 52 20.11 -14.96 -11.63
N ALA B 53 18.88 -15.45 -11.46
CA ALA B 53 17.85 -15.29 -12.48
C ALA B 53 17.50 -13.82 -12.68
N ALA B 54 17.40 -13.08 -11.58
CA ALA B 54 17.16 -11.65 -11.61
C ALA B 54 18.32 -10.92 -12.26
N ASP B 55 19.54 -11.34 -11.92
CA ASP B 55 20.76 -10.80 -12.51
C ASP B 55 20.71 -10.88 -14.04
N LYS B 56 20.49 -12.09 -14.55
CA LYS B 56 20.39 -12.33 -16.00
C LYS B 56 19.34 -11.44 -16.66
N GLN B 57 18.16 -11.39 -16.06
CA GLN B 57 17.03 -10.66 -16.63
C GLN B 57 17.32 -9.16 -16.66
N LEU B 58 17.94 -8.66 -15.59
CA LEU B 58 18.31 -7.25 -15.50
C LEU B 58 19.34 -6.87 -16.56
N PHE B 59 20.33 -7.74 -16.76
CA PHE B 59 21.41 -7.48 -17.70
C PHE B 59 20.89 -7.44 -19.13
N THR B 60 19.92 -8.31 -19.44
CA THR B 60 19.25 -8.30 -20.73
C THR B 60 18.68 -6.92 -21.02
N LEU B 61 18.10 -6.31 -19.98
CA LEU B 61 17.54 -4.97 -20.07
C LEU B 61 18.62 -3.92 -20.29
N VAL B 62 19.72 -4.04 -19.55
CA VAL B 62 20.83 -3.10 -19.66
C VAL B 62 21.46 -3.16 -21.05
N GLU B 63 21.63 -4.37 -21.57
CA GLU B 63 22.21 -4.55 -22.91
C GLU B 63 21.31 -3.96 -23.98
N TRP B 64 20.00 -4.09 -23.78
CA TRP B 64 19.02 -3.51 -24.70
C TRP B 64 19.08 -1.99 -24.70
N ALA B 65 19.22 -1.40 -23.52
CA ALA B 65 19.25 0.05 -23.37
C ALA B 65 20.49 0.64 -24.04
N LYS B 66 21.60 -0.09 -23.96
CA LYS B 66 22.85 0.35 -24.57
C LYS B 66 22.78 0.44 -26.09
N ARG B 67 21.92 -0.36 -26.70
CA ARG B 67 21.76 -0.35 -28.15
C ARG B 67 20.79 0.73 -28.58
N ILE B 68 20.06 1.30 -27.63
CA ILE B 68 19.20 2.43 -27.92
C ILE B 68 20.08 3.64 -28.18
N PRO B 69 19.90 4.28 -29.35
CA PRO B 69 20.74 5.41 -29.78
C PRO B 69 20.80 6.54 -28.76
N HIS B 70 22.01 7.00 -28.48
CA HIS B 70 22.30 8.16 -27.62
C HIS B 70 22.17 7.88 -26.12
N PHE B 71 21.66 6.71 -25.74
CA PHE B 71 21.55 6.37 -24.32
C PHE B 71 22.91 6.31 -23.64
N SER B 72 23.87 5.65 -24.28
CA SER B 72 25.21 5.48 -23.72
C SER B 72 25.99 6.79 -23.75
N GLU B 73 25.45 7.79 -24.43
CA GLU B 73 26.07 9.11 -24.47
C GLU B 73 25.71 9.94 -23.24
N LEU B 74 24.67 9.52 -22.53
CA LEU B 74 24.31 10.16 -21.27
C LEU B 74 25.37 9.88 -20.22
N PRO B 75 25.49 10.77 -19.22
CA PRO B 75 26.37 10.48 -18.07
C PRO B 75 26.01 9.13 -17.44
N LEU B 76 27.01 8.41 -16.94
CA LEU B 76 26.79 7.06 -16.44
C LEU B 76 25.89 7.04 -15.21
N ASP B 77 25.96 8.10 -14.40
CA ASP B 77 25.07 8.23 -13.25
C ASP B 77 23.62 8.41 -13.69
N ASP B 78 23.43 9.09 -14.82
CA ASP B 78 22.10 9.29 -15.37
C ASP B 78 21.52 8.00 -15.96
N GLN B 79 22.39 7.20 -16.56
CA GLN B 79 21.97 5.93 -17.15
C GLN B 79 21.47 4.98 -16.08
N VAL B 80 22.18 4.96 -14.96
CA VAL B 80 21.82 4.12 -13.82
C VAL B 80 20.47 4.54 -13.27
N ILE B 81 20.28 5.85 -13.11
CA ILE B 81 19.03 6.40 -12.61
C ILE B 81 17.85 6.05 -13.52
N LEU B 82 18.06 6.15 -14.83
CA LEU B 82 17.01 5.84 -15.79
C LEU B 82 16.63 4.36 -15.74
N LEU B 83 17.63 3.50 -15.55
CA LEU B 83 17.38 2.08 -15.48
C LEU B 83 16.67 1.71 -14.18
N ARG B 84 17.06 2.36 -13.09
CA ARG B 84 16.41 2.14 -11.79
C ARG B 84 14.96 2.58 -11.82
N ALA B 85 14.71 3.72 -12.46
CA ALA B 85 13.36 4.27 -12.54
C ALA B 85 12.47 3.46 -13.48
N GLY B 86 13.09 2.80 -14.46
CA GLY B 86 12.34 2.17 -15.52
C GLY B 86 12.31 0.65 -15.57
N TRP B 87 13.20 -0.02 -14.83
CA TRP B 87 13.42 -1.47 -15.02
C TRP B 87 12.14 -2.29 -14.89
N ASN B 88 11.29 -1.91 -13.95
CA ASN B 88 10.04 -2.64 -13.71
C ASN B 88 9.07 -2.52 -14.89
N GLU B 89 8.81 -1.30 -15.34
CA GLU B 89 7.94 -1.09 -16.49
C GLU B 89 8.50 -1.71 -17.76
N LEU B 90 9.82 -1.63 -17.93
CA LEU B 90 10.48 -2.18 -19.10
C LEU B 90 10.35 -3.70 -19.16
N LEU B 91 10.49 -4.36 -18.01
CA LEU B 91 10.33 -5.80 -17.94
C LEU B 91 8.88 -6.23 -18.20
N ILE B 92 7.93 -5.51 -17.62
CA ILE B 92 6.53 -5.87 -17.74
C ILE B 92 6.06 -5.74 -19.19
N ALA B 93 6.51 -4.68 -19.86
CA ALA B 93 6.16 -4.48 -21.26
C ALA B 93 6.69 -5.62 -22.12
N SER B 94 7.88 -6.09 -21.79
CA SER B 94 8.51 -7.19 -22.54
C SER B 94 7.73 -8.50 -22.44
N PHE B 95 7.48 -8.99 -21.23
CA PHE B 95 6.84 -10.29 -21.11
C PHE B 95 5.34 -10.21 -21.39
N SER B 96 4.78 -9.00 -21.33
CA SER B 96 3.40 -8.79 -21.73
C SER B 96 3.25 -8.98 -23.25
N HIS B 97 4.16 -8.38 -24.00
CA HIS B 97 4.14 -8.48 -25.46
C HIS B 97 4.50 -9.89 -25.91
N ARG B 98 5.41 -10.53 -25.19
CA ARG B 98 5.80 -11.90 -25.48
C ARG B 98 4.62 -12.85 -25.27
N SER B 99 3.70 -12.46 -24.39
CA SER B 99 2.57 -13.31 -23.99
C SER B 99 1.34 -13.17 -24.88
N ILE B 100 1.48 -12.46 -26.00
CA ILE B 100 0.36 -12.27 -26.92
C ILE B 100 -0.14 -13.60 -27.49
N ALA B 101 0.79 -14.52 -27.76
CA ALA B 101 0.43 -15.79 -28.37
C ALA B 101 -0.28 -16.72 -27.38
N VAL B 102 0.12 -16.67 -26.11
CA VAL B 102 -0.43 -17.58 -25.10
C VAL B 102 -1.82 -17.19 -24.61
N LYS B 103 -2.48 -18.13 -23.93
CA LYS B 103 -3.86 -17.98 -23.47
C LYS B 103 -3.97 -17.91 -21.95
N ASP B 104 -4.37 -16.75 -21.43
CA ASP B 104 -4.57 -16.55 -19.99
C ASP B 104 -3.31 -16.84 -19.18
N GLY B 105 -2.15 -16.50 -19.73
CA GLY B 105 -0.92 -16.62 -18.99
C GLY B 105 0.15 -15.62 -19.37
N ILE B 106 1.32 -15.78 -18.78
CA ILE B 106 2.48 -14.94 -19.08
C ILE B 106 3.66 -15.80 -19.49
N LEU B 107 4.25 -15.48 -20.64
CA LEU B 107 5.42 -16.20 -21.11
C LEU B 107 6.70 -15.45 -20.74
N LEU B 108 7.52 -16.07 -19.90
CA LEU B 108 8.79 -15.46 -19.48
C LEU B 108 9.91 -15.76 -20.46
N ALA B 109 11.06 -15.12 -20.24
CA ALA B 109 12.23 -15.32 -21.10
C ALA B 109 12.78 -16.73 -20.90
N THR B 110 12.69 -17.22 -19.67
CA THR B 110 13.16 -18.57 -19.33
C THR B 110 12.33 -19.65 -20.01
N GLY B 111 11.23 -19.26 -20.64
CA GLY B 111 10.33 -20.20 -21.28
C GLY B 111 9.21 -20.63 -20.35
N LEU B 112 9.22 -20.08 -19.14
CA LEU B 112 8.22 -20.43 -18.13
C LEU B 112 6.85 -19.81 -18.41
N HIS B 113 5.87 -20.68 -18.67
CA HIS B 113 4.49 -20.25 -18.88
C HIS B 113 3.74 -20.24 -17.54
N VAL B 114 3.44 -19.04 -17.05
CA VAL B 114 2.72 -18.90 -15.79
C VAL B 114 1.26 -18.59 -16.09
N HIS B 115 0.36 -19.34 -15.47
CA HIS B 115 -1.08 -19.20 -15.72
C HIS B 115 -1.74 -18.33 -14.66
N ARG B 116 -2.93 -17.80 -14.97
CA ARG B 116 -3.69 -16.98 -14.02
C ARG B 116 -3.81 -17.56 -12.64
N ASN B 117 -4.30 -18.80 -12.59
CA ASN B 117 -4.65 -19.47 -11.36
C ASN B 117 -3.43 -19.82 -10.52
N SER B 118 -2.31 -20.07 -11.19
CA SER B 118 -1.04 -20.27 -10.49
C SER B 118 -0.62 -18.97 -9.82
N ALA B 119 -0.97 -17.85 -10.44
CA ALA B 119 -0.67 -16.53 -9.90
C ALA B 119 -1.62 -16.17 -8.76
N HIS B 120 -2.90 -16.51 -8.93
CA HIS B 120 -3.88 -16.31 -7.88
C HIS B 120 -3.54 -17.15 -6.64
N SER B 121 -2.91 -18.29 -6.85
CA SER B 121 -2.47 -19.15 -5.75
C SER B 121 -1.32 -18.51 -4.99
N ALA B 122 -0.52 -17.72 -5.68
CA ALA B 122 0.66 -17.09 -5.09
C ALA B 122 0.29 -15.81 -4.35
N GLY B 123 -0.95 -15.37 -4.51
CA GLY B 123 -1.42 -14.16 -3.87
C GLY B 123 -1.15 -12.90 -4.67
N VAL B 124 -1.00 -13.06 -5.99
CA VAL B 124 -0.78 -11.93 -6.88
C VAL B 124 -1.73 -11.99 -8.07
N GLY B 125 -2.91 -12.55 -7.83
CA GLY B 125 -3.91 -12.72 -8.87
C GLY B 125 -4.47 -11.45 -9.47
N ALA B 126 -4.66 -10.43 -8.63
CA ALA B 126 -5.27 -9.18 -9.08
C ALA B 126 -4.42 -8.46 -10.12
N ILE B 127 -3.14 -8.28 -9.80
CA ILE B 127 -2.20 -7.62 -10.71
C ILE B 127 -2.02 -8.41 -12.01
N PHE B 128 -1.86 -9.72 -11.87
CA PHE B 128 -1.68 -10.62 -13.00
C PHE B 128 -2.76 -10.44 -14.05
N ASP B 129 -4.02 -10.37 -13.59
CA ASP B 129 -5.16 -10.13 -14.47
C ASP B 129 -5.07 -8.77 -15.16
N ARG B 130 -4.62 -7.77 -14.42
CA ARG B 130 -4.47 -6.42 -14.96
C ARG B 130 -3.46 -6.41 -16.09
N VAL B 131 -2.36 -7.15 -15.90
CA VAL B 131 -1.35 -7.32 -16.93
C VAL B 131 -1.98 -7.93 -18.18
N LEU B 132 -2.82 -8.95 -17.97
CA LEU B 132 -3.51 -9.61 -19.08
C LEU B 132 -4.51 -8.70 -19.77
N THR B 133 -5.37 -8.05 -18.98
CA THR B 133 -6.44 -7.23 -19.54
C THR B 133 -5.93 -5.93 -20.15
N GLU B 134 -5.13 -5.19 -19.41
CA GLU B 134 -4.75 -3.83 -19.79
C GLU B 134 -3.53 -3.78 -20.71
N LEU B 135 -2.74 -4.85 -20.74
CA LEU B 135 -1.54 -4.87 -21.57
C LEU B 135 -1.57 -5.96 -22.64
N VAL B 136 -1.47 -7.22 -22.22
CA VAL B 136 -1.40 -8.35 -23.15
C VAL B 136 -2.55 -8.36 -24.17
N SER B 137 -3.77 -8.30 -23.66
CA SER B 137 -4.96 -8.29 -24.51
C SER B 137 -4.96 -7.10 -25.47
N LYS B 138 -4.60 -5.94 -24.96
CA LYS B 138 -4.60 -4.72 -25.77
C LYS B 138 -3.53 -4.77 -26.84
N MET B 139 -2.37 -5.30 -26.47
CA MET B 139 -1.29 -5.50 -27.43
C MET B 139 -1.73 -6.46 -28.52
N ARG B 140 -2.46 -7.50 -28.12
CA ARG B 140 -2.99 -8.50 -29.04
C ARG B 140 -4.01 -7.91 -30.02
N ASP B 141 -5.02 -7.22 -29.49
CA ASP B 141 -6.09 -6.65 -30.29
C ASP B 141 -5.60 -5.69 -31.38
N MET B 142 -4.56 -4.93 -31.09
CA MET B 142 -4.07 -3.95 -32.05
C MET B 142 -2.85 -4.47 -32.79
N GLN B 143 -2.45 -5.69 -32.46
CA GLN B 143 -1.28 -6.33 -33.04
C GLN B 143 -0.07 -5.40 -33.02
N MET B 144 0.22 -4.86 -31.84
CA MET B 144 1.43 -4.07 -31.63
C MET B 144 2.64 -4.88 -32.08
N ASP B 145 3.49 -4.26 -32.90
CA ASP B 145 4.65 -4.97 -33.41
C ASP B 145 5.89 -4.62 -32.58
N LYS B 146 6.99 -5.32 -32.87
CA LYS B 146 8.20 -5.19 -32.07
C LYS B 146 8.85 -3.82 -32.22
N THR B 147 8.61 -3.16 -33.35
CA THR B 147 9.12 -1.81 -33.56
C THR B 147 8.38 -0.86 -32.62
N GLU B 148 7.06 -1.04 -32.55
CA GLU B 148 6.22 -0.22 -31.68
C GLU B 148 6.49 -0.50 -30.20
N LEU B 149 6.59 -1.78 -29.85
CA LEU B 149 7.02 -2.15 -28.50
C LEU B 149 8.37 -1.53 -28.16
N GLY B 150 9.31 -1.65 -29.08
CA GLY B 150 10.65 -1.13 -28.88
C GLY B 150 10.65 0.37 -28.65
N CYS B 151 9.82 1.09 -29.41
CA CYS B 151 9.72 2.54 -29.26
C CYS B 151 9.09 2.93 -27.92
N LEU B 152 8.02 2.24 -27.53
CA LEU B 152 7.35 2.53 -26.28
C LEU B 152 8.27 2.31 -25.08
N ARG B 153 9.07 1.25 -25.14
CA ARG B 153 10.01 0.96 -24.06
C ARG B 153 11.15 1.98 -24.03
N ALA B 154 11.56 2.45 -25.20
CA ALA B 154 12.56 3.51 -25.29
C ALA B 154 12.02 4.80 -24.67
N ILE B 155 10.74 5.06 -24.88
CA ILE B 155 10.08 6.22 -24.29
C ILE B 155 10.05 6.10 -22.77
N VAL B 156 9.72 4.91 -22.29
CA VAL B 156 9.73 4.61 -20.86
C VAL B 156 11.13 4.80 -20.28
N LEU B 157 12.13 4.26 -20.97
CA LEU B 157 13.52 4.37 -20.54
C LEU B 157 13.95 5.84 -20.42
N PHE B 158 13.62 6.63 -21.44
CA PHE B 158 13.97 8.06 -21.44
C PHE B 158 12.95 8.84 -20.62
N ASN B 159 12.93 8.59 -19.32
CA ASN B 159 11.96 9.24 -18.43
C ASN B 159 12.58 10.45 -17.75
N PRO B 160 12.22 11.66 -18.21
CA PRO B 160 12.78 12.91 -17.70
C PRO B 160 12.28 13.28 -16.31
N ASP B 161 11.33 12.50 -15.78
CA ASP B 161 10.83 12.73 -14.43
C ASP B 161 11.64 11.97 -13.39
N SER B 162 12.56 11.13 -13.86
CA SER B 162 13.41 10.37 -12.96
C SER B 162 14.22 11.30 -12.06
N LYS B 163 14.20 11.02 -10.77
CA LYS B 163 14.82 11.90 -9.79
C LYS B 163 16.34 11.77 -9.78
N GLY B 164 17.03 12.90 -9.80
CA GLY B 164 18.47 12.93 -9.70
C GLY B 164 19.21 13.07 -11.02
N LEU B 165 18.49 13.21 -12.13
CA LEU B 165 19.12 13.39 -13.43
C LEU B 165 19.96 14.67 -13.47
N SER B 166 21.17 14.55 -14.01
CA SER B 166 22.05 15.71 -14.14
C SER B 166 21.47 16.72 -15.12
N ASN B 167 20.81 16.22 -16.15
CA ASN B 167 20.20 17.08 -17.16
C ASN B 167 18.89 16.48 -17.66
N PRO B 168 17.78 16.81 -16.99
CA PRO B 168 16.45 16.31 -17.36
C PRO B 168 16.03 16.72 -18.78
N ALA B 169 16.51 17.85 -19.25
CA ALA B 169 16.07 18.41 -20.52
C ALA B 169 16.54 17.58 -21.71
N GLU B 170 17.76 17.05 -21.63
CA GLU B 170 18.28 16.23 -22.72
C GLU B 170 17.62 14.86 -22.76
N VAL B 171 17.14 14.40 -21.62
CA VAL B 171 16.40 13.14 -21.55
C VAL B 171 15.04 13.32 -22.21
N GLU B 172 14.38 14.44 -21.91
CA GLU B 172 13.13 14.81 -22.56
C GLU B 172 13.35 14.95 -24.07
N ALA B 173 14.49 15.52 -24.44
CA ALA B 173 14.82 15.69 -25.85
C ALA B 173 14.95 14.35 -26.56
N LEU B 174 15.59 13.39 -25.90
CA LEU B 174 15.71 12.04 -26.45
C LEU B 174 14.37 11.33 -26.53
N ARG B 175 13.55 11.48 -25.49
CA ARG B 175 12.21 10.91 -25.50
C ARG B 175 11.39 11.47 -26.66
N GLU B 176 11.53 12.77 -26.90
CA GLU B 176 10.81 13.43 -27.98
C GLU B 176 11.24 12.93 -29.36
N LYS B 177 12.54 12.68 -29.52
CA LYS B 177 13.04 12.10 -30.77
C LYS B 177 12.45 10.72 -31.02
N VAL B 178 12.28 9.96 -29.94
CA VAL B 178 11.73 8.61 -30.06
C VAL B 178 10.27 8.61 -30.52
N TYR B 179 9.41 9.39 -29.86
CA TYR B 179 8.00 9.35 -30.21
C TYR B 179 7.72 10.06 -31.54
N ALA B 180 8.60 10.99 -31.91
CA ALA B 180 8.58 11.55 -33.26
C ALA B 180 8.82 10.46 -34.30
N SER B 181 9.76 9.57 -34.01
CA SER B 181 10.12 8.48 -34.92
C SER B 181 9.04 7.41 -34.94
N LEU B 182 8.49 7.11 -33.76
CA LEU B 182 7.41 6.15 -33.62
C LEU B 182 6.18 6.58 -34.40
N GLU B 183 5.84 7.86 -34.33
CA GLU B 183 4.67 8.39 -35.01
C GLU B 183 4.81 8.25 -36.53
N ALA B 184 5.96 8.65 -37.05
CA ALA B 184 6.27 8.51 -38.48
C ALA B 184 6.15 7.06 -38.92
N TYR B 185 6.65 6.16 -38.08
CA TYR B 185 6.57 4.73 -38.35
C TYR B 185 5.12 4.25 -38.43
N CYS B 186 4.29 4.72 -37.52
CA CYS B 186 2.89 4.28 -37.46
C CYS B 186 2.10 4.79 -38.66
N LYS B 187 2.32 6.05 -39.02
CA LYS B 187 1.60 6.66 -40.12
C LYS B 187 2.06 6.11 -41.47
N HIS B 188 3.28 5.59 -41.50
CA HIS B 188 3.81 4.96 -42.70
C HIS B 188 3.33 3.53 -42.84
N LYS B 189 3.50 2.73 -41.79
CA LYS B 189 3.15 1.32 -41.85
C LYS B 189 1.66 1.09 -41.69
N TYR B 190 0.98 1.99 -40.98
CA TYR B 190 -0.47 1.87 -40.78
C TYR B 190 -1.20 3.17 -41.08
N PRO B 191 -1.22 3.59 -42.35
CA PRO B 191 -1.90 4.84 -42.71
C PRO B 191 -3.42 4.75 -42.52
N GLU B 192 -3.97 3.55 -42.53
CA GLU B 192 -5.39 3.35 -42.32
C GLU B 192 -5.80 3.48 -40.85
N GLN B 193 -4.81 3.68 -39.98
CA GLN B 193 -5.07 3.86 -38.56
C GLN B 193 -4.41 5.15 -38.07
N PRO B 194 -5.11 6.28 -38.18
CA PRO B 194 -4.56 7.58 -37.78
C PRO B 194 -4.47 7.77 -36.26
N GLY B 195 -5.23 7.00 -35.50
CA GLY B 195 -5.21 7.11 -34.05
C GLY B 195 -4.31 6.11 -33.36
N ARG B 196 -3.57 5.34 -34.16
CA ARG B 196 -2.74 4.26 -33.65
C ARG B 196 -1.62 4.76 -32.74
N PHE B 197 -0.98 5.85 -33.15
CA PHE B 197 0.13 6.44 -32.40
C PHE B 197 -0.28 6.84 -30.98
N ALA B 198 -1.42 7.51 -30.87
CA ALA B 198 -1.93 7.94 -29.57
C ALA B 198 -2.39 6.73 -28.76
N LYS B 199 -2.88 5.71 -29.46
CA LYS B 199 -3.34 4.48 -28.83
C LYS B 199 -2.19 3.78 -28.11
N LEU B 200 -1.03 3.76 -28.75
CA LEU B 200 0.19 3.21 -28.16
C LEU B 200 0.60 3.99 -26.92
N LEU B 201 0.65 5.31 -27.03
CA LEU B 201 1.04 6.17 -25.92
C LEU B 201 0.12 6.02 -24.72
N LEU B 202 -1.16 5.75 -24.97
CA LEU B 202 -2.15 5.70 -23.91
C LEU B 202 -2.24 4.33 -23.24
N ARG B 203 -1.27 3.47 -23.51
CA ARG B 203 -1.10 2.27 -22.72
C ARG B 203 -0.09 2.50 -21.59
N LEU B 204 0.65 3.60 -21.71
CA LEU B 204 1.67 3.94 -20.72
C LEU B 204 1.14 4.30 -19.32
N PRO B 205 -0.01 4.97 -19.22
CA PRO B 205 -0.51 5.17 -17.86
C PRO B 205 -0.83 3.85 -17.16
N ALA B 206 -1.38 2.90 -17.92
CA ALA B 206 -1.67 1.57 -17.39
C ALA B 206 -0.38 0.85 -17.03
N LEU B 207 0.62 0.99 -17.89
CA LEU B 207 1.93 0.39 -17.64
C LEU B 207 2.56 0.97 -16.38
N ARG B 208 2.37 2.26 -16.17
CA ARG B 208 2.88 2.96 -15.00
C ARG B 208 2.26 2.41 -13.71
N SER B 209 0.93 2.33 -13.68
CA SER B 209 0.21 1.90 -12.49
C SER B 209 0.44 0.42 -12.19
N ILE B 210 0.52 -0.40 -13.24
CA ILE B 210 0.78 -1.83 -13.07
C ILE B 210 2.22 -2.03 -12.58
N GLY B 211 3.13 -1.20 -13.07
CA GLY B 211 4.50 -1.20 -12.62
C GLY B 211 4.62 -0.94 -11.12
N LEU B 212 3.86 0.02 -10.63
CA LEU B 212 3.86 0.36 -9.21
C LEU B 212 3.33 -0.77 -8.34
N LYS B 213 2.24 -1.40 -8.79
CA LYS B 213 1.64 -2.50 -8.05
C LYS B 213 2.59 -3.69 -7.94
N CYS B 214 3.42 -3.87 -8.97
CA CYS B 214 4.35 -4.99 -9.04
C CYS B 214 5.47 -4.84 -8.01
N LEU B 215 5.94 -3.61 -7.81
CA LEU B 215 6.98 -3.35 -6.82
C LEU B 215 6.49 -3.61 -5.39
N GLU B 216 5.21 -3.34 -5.15
CA GLU B 216 4.66 -3.41 -3.80
C GLU B 216 4.08 -4.79 -3.43
N HIS B 217 3.94 -5.66 -4.43
CA HIS B 217 3.47 -7.02 -4.18
C HIS B 217 4.56 -8.05 -4.38
N LEU B 218 5.77 -7.58 -4.71
CA LEU B 218 6.91 -8.45 -4.99
C LEU B 218 6.55 -9.42 -6.11
N PHE B 219 5.83 -8.89 -7.10
CA PHE B 219 5.29 -9.66 -8.21
C PHE B 219 6.32 -10.54 -8.93
N PHE B 220 7.38 -9.92 -9.44
CA PHE B 220 8.41 -10.61 -10.20
C PHE B 220 9.09 -11.71 -9.38
N PHE B 221 9.48 -11.36 -8.17
CA PHE B 221 10.25 -12.25 -7.31
C PHE B 221 9.38 -13.32 -6.67
N LYS B 222 8.07 -13.10 -6.64
CA LYS B 222 7.13 -14.15 -6.27
C LYS B 222 6.97 -15.16 -7.41
N LEU B 223 6.82 -14.64 -8.63
CA LEU B 223 6.55 -15.48 -9.79
C LEU B 223 7.68 -16.48 -10.07
N ILE B 224 8.92 -16.01 -10.03
CA ILE B 224 10.05 -16.89 -10.24
C ILE B 224 10.51 -17.51 -8.92
N GLY B 225 10.00 -17.01 -7.82
CA GLY B 225 10.49 -17.37 -6.50
C GLY B 225 9.66 -18.30 -5.63
N ASP B 226 8.36 -18.34 -5.85
CA ASP B 226 7.48 -19.16 -4.99
C ASP B 226 7.80 -20.65 -5.03
N THR B 227 7.97 -21.19 -6.23
CA THR B 227 8.26 -22.62 -6.39
C THR B 227 9.62 -23.05 -5.81
N PRO B 228 10.73 -22.36 -6.17
CA PRO B 228 12.02 -22.80 -5.61
C PRO B 228 12.07 -22.75 -4.08
N ILE B 229 11.34 -21.81 -3.48
CA ILE B 229 11.35 -21.64 -2.03
C ILE B 229 10.50 -22.70 -1.34
N ASP B 230 9.27 -22.91 -1.83
CA ASP B 230 8.42 -23.97 -1.29
C ASP B 230 9.10 -25.33 -1.35
N THR B 231 9.81 -25.58 -2.45
CA THR B 231 10.56 -26.82 -2.61
C THR B 231 11.66 -26.95 -1.57
N PHE B 232 12.47 -25.91 -1.44
CA PHE B 232 13.55 -25.88 -0.47
C PHE B 232 13.02 -26.05 0.96
N LEU B 233 11.86 -25.49 1.24
CA LEU B 233 11.26 -25.59 2.56
C LEU B 233 10.78 -27.00 2.85
N MET B 234 9.97 -27.54 1.94
CA MET B 234 9.42 -28.89 2.11
C MET B 234 10.50 -29.94 2.29
N GLU B 235 11.56 -29.87 1.47
CA GLU B 235 12.63 -30.85 1.54
C GLU B 235 13.42 -30.73 2.83
N MET B 236 13.56 -29.52 3.34
CA MET B 236 14.28 -29.29 4.60
C MET B 236 13.44 -29.65 5.81
N LEU B 237 12.13 -29.43 5.70
CA LEU B 237 11.21 -29.76 6.79
C LEU B 237 11.03 -31.27 6.87
N GLU B 238 11.14 -31.94 5.71
CA GLU B 238 11.06 -33.39 5.64
C GLU B 238 12.36 -34.01 6.18
N ALA B 239 13.45 -33.25 6.08
CA ALA B 239 14.76 -33.69 6.55
C ALA B 239 14.88 -33.50 8.07
N PRO B 240 15.88 -34.17 8.68
CA PRO B 240 16.09 -33.97 10.12
C PRO B 240 17.20 -32.97 10.42
N PRO C 13 -10.18 -0.14 37.56
CA PRO C 13 -11.52 -0.54 37.98
C PRO C 13 -12.31 -1.19 36.86
N VAL C 14 -12.51 -2.51 36.94
CA VAL C 14 -13.14 -3.26 35.85
C VAL C 14 -14.64 -2.94 35.75
N GLU C 15 -15.23 -2.53 36.88
CA GLU C 15 -16.65 -2.18 36.92
C GLU C 15 -16.89 -0.87 36.18
N ARG C 16 -15.91 0.02 36.26
CA ARG C 16 -15.99 1.35 35.64
C ARG C 16 -15.81 1.28 34.13
N ILE C 17 -15.00 0.31 33.68
CA ILE C 17 -14.76 0.11 32.27
C ILE C 17 -15.97 -0.51 31.58
N LEU C 18 -16.69 -1.35 32.31
CA LEU C 18 -17.85 -2.04 31.76
C LEU C 18 -19.04 -1.10 31.61
N GLU C 19 -19.12 -0.10 32.47
CA GLU C 19 -20.20 0.89 32.38
C GLU C 19 -19.88 1.89 31.28
N ALA C 20 -18.60 2.07 31.00
CA ALA C 20 -18.16 2.89 29.88
C ALA C 20 -18.60 2.30 28.55
N GLU C 21 -18.42 0.98 28.42
CA GLU C 21 -18.76 0.26 27.20
C GLU C 21 -20.26 0.28 26.93
N LEU C 22 -21.05 0.06 27.98
CA LEU C 22 -22.51 0.03 27.86
C LEU C 22 -23.08 1.39 27.49
N ALA C 23 -22.59 2.43 28.16
CA ALA C 23 -23.05 3.78 27.91
C ALA C 23 -22.58 4.28 26.55
N PRO C 43 -31.36 15.19 2.88
CA PRO C 43 -31.56 15.01 1.45
C PRO C 43 -30.31 14.45 0.77
N ASN C 44 -29.73 15.20 -0.17
CA ASN C 44 -28.51 14.74 -0.83
C ASN C 44 -27.38 15.76 -0.89
N ASP C 45 -26.54 15.73 0.14
CA ASP C 45 -25.21 16.32 0.12
C ASP C 45 -24.32 15.26 0.75
N PRO C 46 -23.84 14.32 -0.09
CA PRO C 46 -23.27 13.04 0.36
C PRO C 46 -22.03 13.12 1.26
N VAL C 47 -21.08 13.99 0.95
CA VAL C 47 -19.86 14.04 1.75
C VAL C 47 -20.14 14.62 3.15
N THR C 48 -20.91 15.68 3.20
CA THR C 48 -21.30 16.29 4.49
C THR C 48 -22.03 15.27 5.37
N ASN C 49 -22.94 14.52 4.76
CA ASN C 49 -23.66 13.47 5.47
C ASN C 49 -22.74 12.39 6.03
N ILE C 50 -21.71 12.04 5.27
CA ILE C 50 -20.75 11.04 5.69
C ILE C 50 -19.91 11.56 6.84
N CYS C 51 -19.47 12.81 6.74
CA CYS C 51 -18.71 13.47 7.79
C CYS C 51 -19.50 13.55 9.09
N GLN C 52 -20.80 13.82 8.98
CA GLN C 52 -21.67 13.89 10.14
C GLN C 52 -21.75 12.55 10.85
N ALA C 53 -21.83 11.47 10.07
CA ALA C 53 -21.82 10.12 10.62
C ALA C 53 -20.51 9.83 11.32
N ALA C 54 -19.40 10.25 10.69
CA ALA C 54 -18.08 10.11 11.26
C ALA C 54 -17.96 10.94 12.54
N ASP C 55 -18.50 12.16 12.48
CA ASP C 55 -18.56 13.06 13.64
C ASP C 55 -19.21 12.37 14.83
N LYS C 56 -20.43 11.89 14.62
CA LYS C 56 -21.19 11.19 15.64
C LYS C 56 -20.44 10.00 16.23
N GLN C 57 -19.88 9.17 15.35
CA GLN C 57 -19.19 7.97 15.79
C GLN C 57 -17.93 8.31 16.58
N LEU C 58 -17.23 9.34 16.13
CA LEU C 58 -16.02 9.81 16.81
C LEU C 58 -16.36 10.31 18.21
N PHE C 59 -17.48 11.02 18.34
CA PHE C 59 -17.88 11.57 19.63
C PHE C 59 -18.24 10.47 20.62
N THR C 60 -18.89 9.42 20.12
CA THR C 60 -19.21 8.24 20.92
C THR C 60 -17.95 7.66 21.52
N LEU C 61 -16.88 7.62 20.71
CA LEU C 61 -15.59 7.10 21.14
C LEU C 61 -14.98 7.98 22.23
N VAL C 62 -15.07 9.30 22.04
CA VAL C 62 -14.53 10.24 23.00
C VAL C 62 -15.26 10.13 24.34
N GLU C 63 -16.59 9.99 24.28
CA GLU C 63 -17.38 9.84 25.49
C GLU C 63 -17.06 8.55 26.23
N TRP C 64 -16.81 7.49 25.46
CA TRP C 64 -16.42 6.20 26.04
C TRP C 64 -15.07 6.31 26.74
N ALA C 65 -14.12 7.00 26.10
CA ALA C 65 -12.77 7.14 26.63
C ALA C 65 -12.78 7.94 27.92
N LYS C 66 -13.65 8.95 27.99
CA LYS C 66 -13.77 9.80 29.16
C LYS C 66 -14.26 9.03 30.39
N ARG C 67 -15.00 7.95 30.14
CA ARG C 67 -15.53 7.13 31.21
C ARG C 67 -14.54 6.08 31.69
N ILE C 68 -13.48 5.87 30.90
CA ILE C 68 -12.38 5.00 31.30
C ILE C 68 -11.58 5.70 32.39
N PRO C 69 -11.38 5.02 33.54
CA PRO C 69 -10.72 5.64 34.70
C PRO C 69 -9.34 6.23 34.38
N HIS C 70 -9.13 7.47 34.82
CA HIS C 70 -7.85 8.19 34.72
C HIS C 70 -7.52 8.73 33.32
N PHE C 71 -8.32 8.38 32.31
CA PHE C 71 -8.07 8.90 30.96
C PHE C 71 -8.13 10.42 30.93
N SER C 72 -9.17 10.98 31.55
CA SER C 72 -9.37 12.43 31.56
C SER C 72 -8.36 13.14 32.48
N GLU C 73 -7.63 12.36 33.26
CA GLU C 73 -6.58 12.92 34.11
C GLU C 73 -5.28 13.12 33.33
N LEU C 74 -5.18 12.46 32.18
CA LEU C 74 -4.06 12.69 31.27
C LEU C 74 -4.18 14.08 30.66
N PRO C 75 -3.05 14.68 30.25
CA PRO C 75 -3.07 15.95 29.51
C PRO C 75 -3.97 15.88 28.28
N LEU C 76 -4.64 16.98 27.95
CA LEU C 76 -5.59 16.97 26.84
C LEU C 76 -4.90 16.72 25.51
N ASP C 77 -3.66 17.18 25.38
CA ASP C 77 -2.88 16.93 24.17
C ASP C 77 -2.54 15.44 24.04
N ASP C 78 -2.32 14.78 25.17
CA ASP C 78 -2.05 13.35 25.17
C ASP C 78 -3.33 12.57 24.87
N GLN C 79 -4.46 13.08 25.35
CA GLN C 79 -5.75 12.44 25.10
C GLN C 79 -6.05 12.46 23.60
N VAL C 80 -5.74 13.58 22.96
CA VAL C 80 -5.94 13.73 21.52
C VAL C 80 -5.09 12.74 20.74
N ILE C 81 -3.81 12.64 21.12
CA ILE C 81 -2.87 11.74 20.47
C ILE C 81 -3.32 10.28 20.59
N LEU C 82 -3.80 9.90 21.77
CA LEU C 82 -4.24 8.53 22.00
C LEU C 82 -5.48 8.17 21.18
N LEU C 83 -6.39 9.13 21.05
CA LEU C 83 -7.61 8.90 20.29
C LEU C 83 -7.31 8.82 18.79
N ARG C 84 -6.39 9.66 18.33
CA ARG C 84 -5.98 9.65 16.93
C ARG C 84 -5.29 8.33 16.58
N ALA C 85 -4.46 7.86 17.50
CA ALA C 85 -3.71 6.63 17.31
C ALA C 85 -4.61 5.39 17.39
N GLY C 86 -5.70 5.50 18.13
CA GLY C 86 -6.50 4.32 18.45
C GLY C 86 -7.87 4.21 17.80
N TRP C 87 -8.38 5.31 17.24
CA TRP C 87 -9.79 5.37 16.84
C TRP C 87 -10.20 4.24 15.88
N ASN C 88 -9.31 3.90 14.97
CA ASN C 88 -9.59 2.85 13.99
C ASN C 88 -9.75 1.48 14.63
N GLU C 89 -8.76 1.07 15.42
CA GLU C 89 -8.83 -0.21 16.12
C GLU C 89 -9.99 -0.25 17.12
N LEU C 90 -10.24 0.88 17.79
CA LEU C 90 -11.32 0.96 18.76
C LEU C 90 -12.69 0.79 18.11
N LEU C 91 -12.88 1.39 16.94
CA LEU C 91 -14.13 1.24 16.21
C LEU C 91 -14.30 -0.20 15.72
N ILE C 92 -13.23 -0.78 15.18
CA ILE C 92 -13.29 -2.11 14.61
C ILE C 92 -13.57 -3.16 15.68
N ALA C 93 -12.95 -3.01 16.84
CA ALA C 93 -13.17 -3.93 17.95
C ALA C 93 -14.63 -3.89 18.39
N SER C 94 -15.22 -2.70 18.36
CA SER C 94 -16.62 -2.54 18.75
C SER C 94 -17.59 -3.26 17.80
N PHE C 95 -17.52 -2.98 16.51
CA PHE C 95 -18.51 -3.57 15.60
C PHE C 95 -18.20 -5.04 15.33
N SER C 96 -16.96 -5.45 15.59
CA SER C 96 -16.60 -6.85 15.49
C SER C 96 -17.29 -7.66 16.58
N HIS C 97 -17.23 -7.16 17.81
CA HIS C 97 -17.86 -7.84 18.94
C HIS C 97 -19.38 -7.74 18.83
N ARG C 98 -19.86 -6.62 18.32
CA ARG C 98 -21.29 -6.41 18.12
C ARG C 98 -21.83 -7.40 17.10
N SER C 99 -20.96 -7.88 16.22
CA SER C 99 -21.36 -8.75 15.13
C SER C 99 -21.40 -10.24 15.49
N ILE C 100 -21.19 -10.55 16.76
CA ILE C 100 -21.27 -11.95 17.20
C ILE C 100 -22.70 -12.43 17.04
N ALA C 101 -23.64 -11.54 17.35
CA ALA C 101 -25.06 -11.85 17.32
C ALA C 101 -25.58 -11.90 15.90
N VAL C 102 -25.01 -11.06 15.03
CA VAL C 102 -25.48 -10.96 13.66
C VAL C 102 -25.03 -12.18 12.88
N LYS C 103 -25.54 -12.32 11.66
CA LYS C 103 -25.30 -13.52 10.90
C LYS C 103 -24.36 -13.30 9.72
N ASP C 104 -23.10 -13.68 9.93
CA ASP C 104 -22.08 -13.68 8.88
C ASP C 104 -22.00 -12.37 8.11
N GLY C 105 -22.16 -11.27 8.84
CA GLY C 105 -22.05 -9.93 8.29
C GLY C 105 -21.52 -9.02 9.38
N ILE C 106 -21.51 -7.71 9.13
CA ILE C 106 -21.05 -6.77 10.13
C ILE C 106 -22.13 -5.76 10.51
N LEU C 107 -22.38 -5.65 11.81
CA LEU C 107 -23.34 -4.67 12.32
C LEU C 107 -22.64 -3.41 12.79
N LEU C 108 -22.92 -2.29 12.12
CA LEU C 108 -22.37 -1.01 12.53
C LEU C 108 -23.28 -0.40 13.58
N ALA C 109 -22.83 0.71 14.17
CA ALA C 109 -23.61 1.40 15.19
C ALA C 109 -24.87 2.04 14.61
N THR C 110 -24.76 2.50 13.37
CA THR C 110 -25.88 3.15 12.69
C THR C 110 -27.06 2.22 12.44
N GLY C 111 -26.85 0.93 12.68
CA GLY C 111 -27.89 -0.06 12.45
C GLY C 111 -27.81 -0.66 11.07
N LEU C 112 -26.84 -0.19 10.29
CA LEU C 112 -26.65 -0.68 8.93
C LEU C 112 -26.03 -2.07 8.95
N HIS C 113 -26.80 -3.07 8.51
CA HIS C 113 -26.33 -4.44 8.44
C HIS C 113 -25.64 -4.66 7.09
N VAL C 114 -24.32 -4.78 7.10
CA VAL C 114 -23.58 -4.95 5.86
C VAL C 114 -23.13 -6.39 5.62
N HIS C 115 -23.45 -6.89 4.42
CA HIS C 115 -23.12 -8.25 4.02
C HIS C 115 -21.89 -8.24 3.13
N ARG C 116 -21.29 -9.41 2.94
CA ARG C 116 -20.10 -9.59 2.10
C ARG C 116 -20.21 -8.86 0.76
N ASN C 117 -21.32 -9.03 0.06
CA ASN C 117 -21.45 -8.51 -1.30
C ASN C 117 -21.44 -6.98 -1.34
N SER C 118 -21.98 -6.34 -0.30
CA SER C 118 -21.90 -4.89 -0.19
C SER C 118 -20.47 -4.46 0.04
N ALA C 119 -19.70 -5.29 0.72
CA ALA C 119 -18.29 -5.01 0.98
C ALA C 119 -17.46 -5.31 -0.26
N HIS C 120 -17.76 -6.43 -0.93
CA HIS C 120 -17.10 -6.77 -2.19
C HIS C 120 -17.42 -5.78 -3.29
N SER C 121 -18.61 -5.19 -3.25
CA SER C 121 -19.00 -4.17 -4.22
C SER C 121 -18.23 -2.88 -3.98
N ALA C 122 -17.88 -2.63 -2.72
CA ALA C 122 -17.20 -1.40 -2.35
C ALA C 122 -15.71 -1.49 -2.62
N GLY C 123 -15.22 -2.69 -2.92
CA GLY C 123 -13.82 -2.90 -3.18
C GLY C 123 -13.01 -3.15 -1.93
N VAL C 124 -13.69 -3.61 -0.88
CA VAL C 124 -13.04 -3.89 0.41
C VAL C 124 -13.39 -5.27 0.93
N GLY C 125 -13.58 -6.22 0.02
CA GLY C 125 -13.96 -7.58 0.37
C GLY C 125 -12.92 -8.32 1.19
N ALA C 126 -11.65 -8.06 0.92
CA ALA C 126 -10.55 -8.74 1.59
C ALA C 126 -10.54 -8.43 3.09
N ILE C 127 -10.66 -7.14 3.42
CA ILE C 127 -10.68 -6.71 4.81
C ILE C 127 -11.87 -7.31 5.54
N PHE C 128 -13.03 -7.27 4.89
CA PHE C 128 -14.27 -7.82 5.42
C PHE C 128 -14.11 -9.27 5.86
N ASP C 129 -13.47 -10.07 5.03
CA ASP C 129 -13.22 -11.48 5.35
C ASP C 129 -12.32 -11.65 6.57
N ARG C 130 -11.27 -10.82 6.65
CA ARG C 130 -10.35 -10.88 7.78
C ARG C 130 -11.03 -10.47 9.10
N VAL C 131 -11.85 -9.43 9.03
CA VAL C 131 -12.62 -8.97 10.18
C VAL C 131 -13.50 -10.11 10.69
N LEU C 132 -14.14 -10.81 9.77
CA LEU C 132 -14.98 -11.94 10.10
C LEU C 132 -14.16 -13.08 10.68
N THR C 133 -13.08 -13.43 9.99
CA THR C 133 -12.26 -14.58 10.38
C THR C 133 -11.43 -14.36 11.63
N GLU C 134 -10.67 -13.26 11.65
CA GLU C 134 -9.66 -13.07 12.68
C GLU C 134 -10.19 -12.39 13.95
N LEU C 135 -11.34 -11.74 13.85
CA LEU C 135 -11.91 -11.05 15.00
C LEU C 135 -13.29 -11.57 15.41
N VAL C 136 -14.29 -11.31 14.56
CA VAL C 136 -15.68 -11.68 14.87
C VAL C 136 -15.86 -13.14 15.22
N SER C 137 -15.39 -14.03 14.35
CA SER C 137 -15.50 -15.47 14.57
C SER C 137 -14.80 -15.92 15.85
N LYS C 138 -13.61 -15.38 16.09
CA LYS C 138 -12.82 -15.77 17.25
C LYS C 138 -13.46 -15.28 18.56
N MET C 139 -14.01 -14.07 18.52
CA MET C 139 -14.71 -13.52 19.68
C MET C 139 -15.90 -14.40 20.06
N ARG C 140 -16.61 -14.86 19.03
CA ARG C 140 -17.76 -15.74 19.22
C ARG C 140 -17.35 -17.07 19.82
N ASP C 141 -16.34 -17.70 19.22
CA ASP C 141 -15.87 -19.00 19.65
C ASP C 141 -15.46 -19.03 21.12
N MET C 142 -14.89 -17.93 21.61
CA MET C 142 -14.43 -17.88 22.99
C MET C 142 -15.43 -17.13 23.87
N GLN C 143 -16.51 -16.68 23.24
CA GLN C 143 -17.56 -15.90 23.92
C GLN C 143 -17.01 -14.76 24.76
N MET C 144 -16.17 -13.93 24.15
CA MET C 144 -15.69 -12.70 24.78
C MET C 144 -16.86 -11.86 25.24
N ASP C 145 -16.82 -11.40 26.49
CA ASP C 145 -17.92 -10.60 27.02
C ASP C 145 -17.59 -9.11 26.97
N LYS C 146 -18.57 -8.28 27.33
CA LYS C 146 -18.45 -6.83 27.17
C LYS C 146 -17.40 -6.24 28.09
N THR C 147 -17.17 -6.89 29.23
CA THR C 147 -16.13 -6.46 30.16
C THR C 147 -14.75 -6.71 29.57
N GLU C 148 -14.58 -7.87 28.95
CA GLU C 148 -13.32 -8.24 28.32
C GLU C 148 -13.07 -7.37 27.09
N LEU C 149 -14.11 -7.16 26.30
CA LEU C 149 -14.06 -6.22 25.17
C LEU C 149 -13.63 -4.83 25.63
N GLY C 150 -14.27 -4.34 26.69
CA GLY C 150 -13.98 -3.02 27.22
C GLY C 150 -12.55 -2.86 27.69
N CYS C 151 -12.02 -3.89 28.33
CA CYS C 151 -10.64 -3.87 28.83
C CYS C 151 -9.64 -3.86 27.67
N LEU C 152 -9.89 -4.69 26.66
CA LEU C 152 -9.00 -4.75 25.50
C LEU C 152 -8.93 -3.41 24.77
N ARG C 153 -10.07 -2.74 24.67
CA ARG C 153 -10.13 -1.43 24.01
C ARG C 153 -9.45 -0.36 24.85
N ALA C 154 -9.56 -0.48 26.17
CA ALA C 154 -8.87 0.42 27.09
C ALA C 154 -7.36 0.24 26.94
N ILE C 155 -6.94 -1.00 26.75
CA ILE C 155 -5.54 -1.32 26.51
C ILE C 155 -5.08 -0.68 25.20
N VAL C 156 -5.89 -0.82 24.17
CA VAL C 156 -5.63 -0.20 22.88
C VAL C 156 -5.58 1.32 23.03
N LEU C 157 -6.55 1.87 23.76
CA LEU C 157 -6.62 3.31 24.03
C LEU C 157 -5.35 3.78 24.72
N PHE C 158 -4.95 3.05 25.76
CA PHE C 158 -3.74 3.38 26.50
C PHE C 158 -2.52 2.82 25.77
N ASN C 159 -2.25 3.35 24.58
CA ASN C 159 -1.14 2.88 23.75
C ASN C 159 0.09 3.77 23.94
N PRO C 160 1.09 3.27 24.68
CA PRO C 160 2.29 4.02 25.04
C PRO C 160 3.26 4.22 23.87
N ASP C 161 2.98 3.61 22.72
CA ASP C 161 3.82 3.78 21.54
C ASP C 161 3.35 4.95 20.68
N SER C 162 2.23 5.54 21.07
CA SER C 162 1.67 6.68 20.35
C SER C 162 2.67 7.84 20.31
N LYS C 163 2.89 8.38 19.12
CA LYS C 163 3.92 9.39 18.91
C LYS C 163 3.50 10.77 19.41
N GLY C 164 4.41 11.42 20.14
CA GLY C 164 4.20 12.78 20.60
C GLY C 164 3.72 12.91 22.03
N LEU C 165 3.59 11.78 22.72
CA LEU C 165 3.15 11.79 24.11
C LEU C 165 4.11 12.56 25.02
N SER C 166 3.58 13.41 25.87
CA SER C 166 4.39 14.17 26.82
C SER C 166 5.02 13.25 27.85
N ASN C 167 4.28 12.21 28.24
CA ASN C 167 4.75 11.25 29.22
C ASN C 167 4.26 9.85 28.89
N PRO C 168 5.03 9.11 28.06
CA PRO C 168 4.69 7.73 27.67
C PRO C 168 4.62 6.77 28.85
N ALA C 169 5.37 7.06 29.91
CA ALA C 169 5.48 6.16 31.05
C ALA C 169 4.17 6.04 31.82
N GLU C 170 3.45 7.14 31.97
CA GLU C 170 2.19 7.11 32.69
C GLU C 170 1.09 6.45 31.86
N VAL C 171 1.22 6.51 30.55
CA VAL C 171 0.30 5.82 29.65
C VAL C 171 0.51 4.31 29.75
N GLU C 172 1.78 3.91 29.75
CA GLU C 172 2.15 2.51 29.96
C GLU C 172 1.63 2.02 31.31
N ALA C 173 1.71 2.90 32.30
CA ALA C 173 1.25 2.61 33.66
C ALA C 173 -0.25 2.36 33.72
N LEU C 174 -1.02 3.18 33.02
CA LEU C 174 -2.47 3.02 32.96
C LEU C 174 -2.87 1.73 32.24
N ARG C 175 -2.18 1.42 31.15
CA ARG C 175 -2.42 0.18 30.41
C ARG C 175 -2.16 -1.03 31.30
N GLU C 176 -1.11 -0.96 32.11
CA GLU C 176 -0.75 -2.05 33.01
C GLU C 176 -1.83 -2.26 34.07
N LYS C 177 -2.39 -1.17 34.56
CA LYS C 177 -3.50 -1.26 35.51
C LYS C 177 -4.71 -1.95 34.89
N VAL C 178 -4.94 -1.68 33.61
CA VAL C 178 -6.06 -2.27 32.90
C VAL C 178 -5.92 -3.78 32.75
N TYR C 179 -4.80 -4.26 32.22
CA TYR C 179 -4.66 -5.70 31.98
C TYR C 179 -4.42 -6.47 33.27
N ALA C 180 -3.88 -5.80 34.30
CA ALA C 180 -3.86 -6.37 35.64
C ALA C 180 -5.28 -6.64 36.11
N SER C 181 -6.18 -5.70 35.83
CA SER C 181 -7.57 -5.82 36.24
C SER C 181 -8.31 -6.85 35.39
N LEU C 182 -8.00 -6.86 34.09
CA LEU C 182 -8.57 -7.83 33.16
C LEU C 182 -8.19 -9.26 33.52
N GLU C 183 -6.92 -9.48 33.88
CA GLU C 183 -6.44 -10.81 34.23
C GLU C 183 -7.16 -11.35 35.46
N ALA C 184 -7.25 -10.52 36.49
CA ALA C 184 -7.97 -10.85 37.72
C ALA C 184 -9.42 -11.21 37.41
N TYR C 185 -10.02 -10.45 36.50
CA TYR C 185 -11.39 -10.71 36.07
C TYR C 185 -11.55 -12.08 35.42
N CYS C 186 -10.59 -12.43 34.57
CA CYS C 186 -10.65 -13.69 33.84
C CYS C 186 -10.45 -14.90 34.74
N LYS C 187 -9.52 -14.80 35.68
CA LYS C 187 -9.23 -15.92 36.57
C LYS C 187 -10.36 -16.13 37.57
N HIS C 188 -11.13 -15.07 37.81
CA HIS C 188 -12.31 -15.17 38.67
C HIS C 188 -13.53 -15.71 37.93
N LYS C 189 -13.84 -15.11 36.78
CA LYS C 189 -15.05 -15.46 36.05
C LYS C 189 -14.89 -16.75 35.24
N TYR C 190 -13.66 -17.04 34.82
CA TYR C 190 -13.39 -18.25 34.06
C TYR C 190 -12.19 -19.01 34.62
N PRO C 191 -12.33 -19.58 35.83
CA PRO C 191 -11.22 -20.31 36.46
C PRO C 191 -10.87 -21.58 35.69
N GLU C 192 -11.83 -22.10 34.94
CA GLU C 192 -11.60 -23.30 34.13
C GLU C 192 -10.80 -22.98 32.87
N GLN C 193 -10.53 -21.69 32.66
CA GLN C 193 -9.74 -21.26 31.51
C GLN C 193 -8.58 -20.37 31.94
N PRO C 194 -7.44 -20.98 32.28
CA PRO C 194 -6.27 -20.22 32.74
C PRO C 194 -5.55 -19.47 31.61
N GLY C 195 -5.78 -19.89 30.37
CA GLY C 195 -5.14 -19.25 29.22
C GLY C 195 -6.00 -18.19 28.55
N ARG C 196 -7.16 -17.91 29.14
CA ARG C 196 -8.12 -16.99 28.54
C ARG C 196 -7.59 -15.56 28.43
N PHE C 197 -6.90 -15.11 29.47
CA PHE C 197 -6.37 -13.74 29.52
C PHE C 197 -5.38 -13.49 28.38
N ALA C 198 -4.46 -14.43 28.17
CA ALA C 198 -3.47 -14.30 27.11
C ALA C 198 -4.12 -14.44 25.74
N LYS C 199 -5.16 -15.27 25.66
CA LYS C 199 -5.90 -15.47 24.41
C LYS C 199 -6.54 -14.17 23.95
N LEU C 200 -7.09 -13.42 24.90
CA LEU C 200 -7.67 -12.12 24.62
C LEU C 200 -6.60 -11.16 24.09
N LEU C 201 -5.46 -11.12 24.78
CA LEU C 201 -4.36 -10.25 24.41
C LEU C 201 -3.83 -10.54 23.02
N LEU C 202 -3.88 -11.81 22.63
CA LEU C 202 -3.30 -12.24 21.37
C LEU C 202 -4.25 -12.12 20.19
N ARG C 203 -5.36 -11.40 20.41
CA ARG C 203 -6.20 -10.95 19.31
C ARG C 203 -5.80 -9.55 18.86
N LEU C 204 -5.02 -8.88 19.69
CA LEU C 204 -4.56 -7.52 19.40
C LEU C 204 -3.63 -7.38 18.19
N PRO C 205 -2.74 -8.36 17.94
CA PRO C 205 -1.97 -8.22 16.69
C PRO C 205 -2.84 -8.24 15.44
N ALA C 206 -3.88 -9.07 15.45
CA ALA C 206 -4.82 -9.13 14.33
C ALA C 206 -5.58 -7.82 14.21
N LEU C 207 -5.99 -7.27 15.35
CA LEU C 207 -6.69 -6.00 15.39
C LEU C 207 -5.81 -4.89 14.85
N ARG C 208 -4.52 -4.96 15.17
CA ARG C 208 -3.54 -3.99 14.69
C ARG C 208 -3.41 -4.01 13.18
N SER C 209 -3.19 -5.19 12.62
CA SER C 209 -2.97 -5.33 11.18
C SER C 209 -4.23 -5.03 10.38
N ILE C 210 -5.39 -5.44 10.91
CA ILE C 210 -6.66 -5.16 10.28
C ILE C 210 -6.96 -3.66 10.34
N GLY C 211 -6.58 -3.04 11.45
CA GLY C 211 -6.69 -1.60 11.61
C GLY C 211 -5.91 -0.84 10.55
N LEU C 212 -4.70 -1.30 10.27
CA LEU C 212 -3.86 -0.66 9.26
C LEU C 212 -4.49 -0.76 7.87
N LYS C 213 -5.02 -1.92 7.54
CA LYS C 213 -5.64 -2.15 6.22
C LYS C 213 -6.87 -1.27 6.02
N CYS C 214 -7.59 -0.99 7.10
CA CYS C 214 -8.82 -0.21 7.03
C CYS C 214 -8.54 1.26 6.73
N LEU C 215 -7.48 1.78 7.32
CA LEU C 215 -7.07 3.16 7.09
C LEU C 215 -6.61 3.39 5.65
N GLU C 216 -6.03 2.37 5.03
CA GLU C 216 -5.45 2.53 3.71
C GLU C 216 -6.47 2.22 2.61
N HIS C 217 -7.60 1.64 3.00
CA HIS C 217 -8.66 1.37 2.04
C HIS C 217 -9.88 2.25 2.32
N LEU C 218 -9.79 3.07 3.37
CA LEU C 218 -10.88 3.93 3.78
C LEU C 218 -12.13 3.09 4.02
N PHE C 219 -11.91 1.93 4.65
CA PHE C 219 -12.92 0.91 4.90
C PHE C 219 -14.22 1.46 5.47
N PHE C 220 -14.11 2.12 6.62
CA PHE C 220 -15.27 2.66 7.33
C PHE C 220 -16.02 3.67 6.47
N PHE C 221 -15.27 4.60 5.87
CA PHE C 221 -15.88 5.70 5.11
C PHE C 221 -16.36 5.23 3.74
N LYS C 222 -15.84 4.11 3.27
CA LYS C 222 -16.37 3.47 2.06
C LYS C 222 -17.68 2.78 2.37
N LEU C 223 -17.71 2.04 3.47
CA LEU C 223 -18.86 1.21 3.83
C LEU C 223 -20.15 2.00 4.02
N ILE C 224 -20.06 3.10 4.76
CA ILE C 224 -21.23 3.95 5.01
C ILE C 224 -21.41 5.00 3.92
N GLY C 225 -20.40 5.15 3.07
CA GLY C 225 -20.38 6.23 2.09
C GLY C 225 -20.66 5.82 0.66
N ASP C 226 -20.45 4.56 0.33
N ASP C 226 -20.45 4.54 0.36
CA ASP C 226 -20.61 4.08 -1.04
CA ASP C 226 -20.61 3.99 -0.98
C ASP C 226 -22.03 4.25 -1.56
C ASP C 226 -22.02 4.23 -1.54
N THR C 227 -23.03 3.83 -0.78
CA THR C 227 -24.41 3.96 -1.20
C THR C 227 -24.85 5.42 -1.33
N PRO C 228 -24.62 6.27 -0.28
CA PRO C 228 -25.03 7.66 -0.43
C PRO C 228 -24.37 8.38 -1.61
N ILE C 229 -23.14 7.99 -1.96
CA ILE C 229 -22.42 8.63 -3.05
C ILE C 229 -22.95 8.15 -4.39
N ASP C 230 -23.07 6.84 -4.56
CA ASP C 230 -23.63 6.24 -5.76
C ASP C 230 -25.06 6.73 -6.02
N THR C 231 -25.86 6.84 -4.96
CA THR C 231 -27.22 7.33 -5.06
C THR C 231 -27.22 8.79 -5.53
N PHE C 232 -26.42 9.62 -4.88
CA PHE C 232 -26.27 11.02 -5.27
C PHE C 232 -25.79 11.15 -6.71
N LEU C 233 -24.92 10.24 -7.11
CA LEU C 233 -24.34 10.26 -8.45
C LEU C 233 -25.40 9.95 -9.48
N MET C 234 -26.14 8.86 -9.25
CA MET C 234 -27.21 8.42 -10.15
C MET C 234 -28.26 9.51 -10.37
N GLU C 235 -28.64 10.21 -9.31
N GLU C 235 -28.64 10.20 -9.32
CA GLU C 235 -29.67 11.24 -9.39
CA GLU C 235 -29.67 11.24 -9.42
C GLU C 235 -29.23 12.46 -10.19
C GLU C 235 -29.20 12.41 -10.27
N MET C 236 -27.95 12.80 -10.10
CA MET C 236 -27.42 13.96 -10.82
C MET C 236 -27.16 13.63 -12.28
N LEU C 237 -26.78 12.39 -12.55
CA LEU C 237 -26.53 11.95 -13.92
C LEU C 237 -27.82 11.75 -14.69
N GLU C 238 -28.88 11.34 -13.99
CA GLU C 238 -30.19 11.16 -14.62
C GLU C 238 -30.89 12.51 -14.84
N ALA C 239 -30.58 13.48 -14.00
CA ALA C 239 -31.17 14.81 -14.12
C ALA C 239 -30.44 15.64 -15.18
N PRO C 240 -31.07 16.72 -15.67
CA PRO C 240 -30.39 17.59 -16.63
C PRO C 240 -29.79 18.82 -15.96
N ASP D 45 31.03 -9.92 -4.53
CA ASP D 45 30.28 -8.71 -4.81
C ASP D 45 29.07 -8.59 -3.89
N PRO D 46 28.80 -7.35 -3.41
CA PRO D 46 27.77 -7.03 -2.41
C PRO D 46 26.40 -7.66 -2.63
N VAL D 47 25.96 -7.75 -3.88
CA VAL D 47 24.64 -8.31 -4.18
C VAL D 47 24.61 -9.80 -3.87
N THR D 48 25.61 -10.52 -4.38
CA THR D 48 25.70 -11.96 -4.16
C THR D 48 25.86 -12.24 -2.66
N ASN D 49 26.60 -11.37 -1.98
CA ASN D 49 26.79 -11.47 -0.53
C ASN D 49 25.47 -11.42 0.23
N ILE D 50 24.59 -10.50 -0.17
CA ILE D 50 23.30 -10.33 0.47
C ILE D 50 22.40 -11.55 0.23
N CYS D 51 22.39 -12.03 -1.01
CA CYS D 51 21.60 -13.20 -1.37
C CYS D 51 22.07 -14.45 -0.62
N GLN D 52 23.39 -14.58 -0.47
CA GLN D 52 23.95 -15.69 0.30
C GLN D 52 23.56 -15.58 1.77
N ALA D 53 23.64 -14.35 2.30
CA ALA D 53 23.27 -14.09 3.69
C ALA D 53 21.82 -14.44 3.94
N ALA D 54 20.97 -14.16 2.95
CA ALA D 54 19.54 -14.49 3.04
C ALA D 54 19.34 -15.99 3.14
N ASP D 55 20.01 -16.74 2.27
CA ASP D 55 19.93 -18.20 2.28
C ASP D 55 20.37 -18.80 3.61
N LYS D 56 21.46 -18.28 4.15
CA LYS D 56 21.98 -18.76 5.43
C LYS D 56 20.99 -18.46 6.54
N GLN D 57 20.44 -17.24 6.50
CA GLN D 57 19.45 -16.81 7.48
C GLN D 57 18.19 -17.68 7.38
N LEU D 58 17.83 -18.04 6.15
CA LEU D 58 16.65 -18.86 5.91
C LEU D 58 16.87 -20.28 6.43
N PHE D 59 18.08 -20.81 6.20
CA PHE D 59 18.46 -22.11 6.73
C PHE D 59 18.39 -22.12 8.25
N THR D 60 18.95 -21.09 8.86
CA THR D 60 18.97 -20.94 10.31
C THR D 60 17.55 -20.90 10.86
N LEU D 61 16.67 -20.22 10.13
CA LEU D 61 15.27 -20.08 10.54
C LEU D 61 14.53 -21.42 10.50
N VAL D 62 14.70 -22.16 9.41
CA VAL D 62 14.04 -23.46 9.26
C VAL D 62 14.50 -24.46 10.33
N GLU D 63 15.80 -24.44 10.63
CA GLU D 63 16.35 -25.34 11.63
C GLU D 63 15.81 -25.00 13.03
N TRP D 64 15.66 -23.70 13.28
CA TRP D 64 15.10 -23.21 14.52
C TRP D 64 13.66 -23.67 14.76
N ALA D 65 12.83 -23.54 13.72
CA ALA D 65 11.42 -23.92 13.79
C ALA D 65 11.24 -25.40 14.05
N LYS D 66 12.09 -26.22 13.44
CA LYS D 66 12.01 -27.67 13.59
C LYS D 66 12.33 -28.14 15.01
N ARG D 67 13.03 -27.29 15.76
CA ARG D 67 13.35 -27.60 17.15
C ARG D 67 12.32 -27.02 18.11
N ILE D 68 11.32 -26.34 17.57
CA ILE D 68 10.18 -25.93 18.37
C ILE D 68 9.27 -27.15 18.53
N PRO D 69 8.96 -27.50 19.78
CA PRO D 69 8.14 -28.67 20.09
C PRO D 69 6.83 -28.74 19.30
N HIS D 70 6.60 -29.89 18.67
CA HIS D 70 5.35 -30.20 17.94
C HIS D 70 5.17 -29.45 16.62
N PHE D 71 6.19 -28.68 16.21
CA PHE D 71 6.11 -27.98 14.93
C PHE D 71 6.10 -28.99 13.77
N SER D 72 6.96 -29.99 13.87
CA SER D 72 7.10 -30.99 12.81
C SER D 72 5.93 -31.97 12.78
N GLU D 73 5.07 -31.89 13.79
CA GLU D 73 3.92 -32.79 13.87
C GLU D 73 2.75 -32.24 13.06
N LEU D 74 2.81 -30.94 12.76
CA LEU D 74 1.85 -30.32 11.85
C LEU D 74 2.05 -30.85 10.44
N PRO D 75 0.99 -30.80 9.61
CA PRO D 75 1.13 -31.16 8.20
C PRO D 75 2.21 -30.31 7.52
N LEU D 76 2.93 -30.90 6.57
CA LEU D 76 4.06 -30.25 5.92
C LEU D 76 3.68 -28.91 5.29
N ASP D 77 2.54 -28.89 4.61
CA ASP D 77 2.06 -27.68 3.95
C ASP D 77 1.80 -26.59 4.97
N ASP D 78 1.32 -26.99 6.15
CA ASP D 78 1.06 -26.06 7.23
C ASP D 78 2.37 -25.50 7.79
N GLN D 79 3.39 -26.35 7.89
CA GLN D 79 4.71 -25.91 8.30
C GLN D 79 5.24 -24.84 7.36
N VAL D 80 5.01 -25.03 6.06
CA VAL D 80 5.48 -24.09 5.04
C VAL D 80 4.73 -22.77 5.15
N ILE D 81 3.40 -22.86 5.24
CA ILE D 81 2.55 -21.69 5.41
C ILE D 81 2.96 -20.83 6.61
N LEU D 82 3.22 -21.49 7.75
CA LEU D 82 3.63 -20.78 8.96
C LEU D 82 4.97 -20.06 8.76
N LEU D 83 5.92 -20.75 8.12
CA LEU D 83 7.23 -20.16 7.86
C LEU D 83 7.11 -19.03 6.84
N ARG D 84 6.24 -19.21 5.86
CA ARG D 84 5.94 -18.17 4.88
C ARG D 84 5.36 -16.93 5.55
N ALA D 85 4.41 -17.14 6.46
CA ALA D 85 3.70 -16.06 7.10
C ALA D 85 4.52 -15.33 8.16
N GLY D 86 5.52 -16.01 8.71
CA GLY D 86 6.19 -15.50 9.89
C GLY D 86 7.60 -14.97 9.75
N TRP D 87 8.25 -15.25 8.63
CA TRP D 87 9.69 -15.00 8.50
C TRP D 87 10.07 -13.54 8.75
N ASN D 88 9.20 -12.63 8.32
CA ASN D 88 9.47 -11.20 8.47
C ASN D 88 9.50 -10.76 9.93
N GLU D 89 8.42 -11.02 10.66
CA GLU D 89 8.37 -10.69 12.09
C GLU D 89 9.41 -11.45 12.90
N LEU D 90 9.63 -12.72 12.56
CA LEU D 90 10.65 -13.53 13.22
C LEU D 90 12.03 -12.90 13.07
N LEU D 91 12.33 -12.40 11.88
CA LEU D 91 13.62 -11.77 11.58
C LEU D 91 13.79 -10.45 12.31
N ILE D 92 12.74 -9.64 12.30
CA ILE D 92 12.76 -8.33 12.95
C ILE D 92 12.88 -8.47 14.46
N ALA D 93 12.13 -9.41 15.04
CA ALA D 93 12.22 -9.69 16.46
C ALA D 93 13.65 -10.09 16.83
N SER D 94 14.27 -10.88 15.97
CA SER D 94 15.63 -11.36 16.22
C SER D 94 16.67 -10.24 16.22
N PHE D 95 16.68 -9.39 15.19
CA PHE D 95 17.73 -8.38 15.12
C PHE D 95 17.44 -7.20 16.06
N SER D 96 16.17 -7.04 16.42
CA SER D 96 15.81 -6.03 17.42
C SER D 96 16.44 -6.38 18.77
N HIS D 97 16.26 -7.62 19.20
CA HIS D 97 16.82 -8.10 20.45
C HIS D 97 18.34 -8.14 20.40
N ARG D 98 18.88 -8.46 19.22
CA ARG D 98 20.31 -8.49 19.01
C ARG D 98 20.92 -7.10 19.13
N SER D 99 20.10 -6.08 18.90
CA SER D 99 20.58 -4.70 18.83
C SER D 99 20.45 -3.95 20.15
N ILE D 100 20.18 -4.67 21.24
CA ILE D 100 20.04 -4.06 22.56
C ILE D 100 21.35 -3.39 23.00
N ALA D 101 22.48 -4.03 22.69
CA ALA D 101 23.78 -3.53 23.10
C ALA D 101 24.30 -2.45 22.14
N VAL D 102 23.50 -2.13 21.13
CA VAL D 102 23.87 -1.11 20.16
C VAL D 102 23.16 0.21 20.48
N LYS D 103 23.87 1.33 20.31
CA LYS D 103 23.27 2.63 20.52
C LYS D 103 22.83 3.25 19.19
N ASP D 104 21.56 3.63 19.11
CA ASP D 104 20.99 4.30 17.94
C ASP D 104 21.24 3.56 16.63
N GLY D 105 21.14 2.24 16.67
CA GLY D 105 21.33 1.43 15.48
C GLY D 105 20.85 0.00 15.64
N ILE D 106 20.92 -0.76 14.55
CA ILE D 106 20.53 -2.16 14.60
C ILE D 106 21.66 -3.04 14.09
N LEU D 107 21.66 -4.29 14.56
CA LEU D 107 22.65 -5.26 14.14
C LEU D 107 22.01 -6.39 13.34
N LEU D 108 22.26 -6.41 12.03
CA LEU D 108 21.81 -7.53 11.22
C LEU D 108 22.82 -8.66 11.33
N ALA D 109 22.33 -9.89 11.22
CA ALA D 109 22.98 -11.06 11.83
C ALA D 109 24.38 -11.40 11.34
N THR D 110 24.95 -10.60 10.44
CA THR D 110 26.31 -10.88 9.97
C THR D 110 27.27 -9.72 10.22
N GLY D 111 27.26 -9.19 11.43
CA GLY D 111 28.12 -8.07 11.79
C GLY D 111 27.78 -6.80 11.03
N LEU D 112 26.64 -6.83 10.32
CA LEU D 112 26.20 -5.69 9.53
C LEU D 112 25.48 -4.69 10.43
N HIS D 113 26.12 -3.55 10.66
CA HIS D 113 25.60 -2.53 11.56
C HIS D 113 25.05 -1.35 10.78
N VAL D 114 23.82 -0.96 11.10
CA VAL D 114 23.20 0.19 10.44
C VAL D 114 22.83 1.25 11.47
N HIS D 115 23.38 2.45 11.31
CA HIS D 115 23.11 3.54 12.22
C HIS D 115 21.92 4.36 11.71
N ARG D 116 21.25 5.08 12.61
CA ARG D 116 20.00 5.74 12.28
C ARG D 116 20.19 6.92 11.32
N ASN D 117 21.34 7.58 11.40
CA ASN D 117 21.66 8.62 10.43
C ASN D 117 21.64 8.07 9.01
N SER D 118 22.19 6.86 8.86
CA SER D 118 22.20 6.17 7.58
C SER D 118 20.77 5.76 7.20
N ALA D 119 20.01 5.38 8.21
CA ALA D 119 18.63 4.94 7.99
C ALA D 119 17.75 6.08 7.51
N HIS D 120 17.97 7.27 8.07
CA HIS D 120 17.22 8.45 7.67
C HIS D 120 17.67 8.92 6.29
N SER D 121 18.97 8.75 6.03
CA SER D 121 19.54 9.03 4.72
C SER D 121 18.84 8.23 3.61
N ALA D 122 18.50 6.98 3.92
CA ALA D 122 17.93 6.08 2.94
C ALA D 122 16.42 6.25 2.80
N GLY D 123 15.84 7.17 3.57
CA GLY D 123 14.43 7.49 3.46
C GLY D 123 13.51 6.63 4.29
N VAL D 124 14.07 5.84 5.21
CA VAL D 124 13.27 4.97 6.05
C VAL D 124 13.51 5.26 7.53
N GLY D 125 13.73 6.54 7.85
CA GLY D 125 13.99 6.95 9.22
C GLY D 125 12.83 6.70 10.16
N ALA D 126 11.61 6.89 9.67
CA ALA D 126 10.42 6.75 10.49
C ALA D 126 10.24 5.31 10.98
N ILE D 127 10.23 4.37 10.04
CA ILE D 127 10.07 2.96 10.39
C ILE D 127 11.26 2.48 11.22
N PHE D 128 12.44 3.01 10.93
CA PHE D 128 13.64 2.67 11.69
C PHE D 128 13.53 3.12 13.15
N ASP D 129 13.05 4.34 13.35
CA ASP D 129 12.84 4.86 14.70
C ASP D 129 11.81 4.04 15.46
N ARG D 130 10.81 3.53 14.75
CA ARG D 130 9.82 2.67 15.38
C ARG D 130 10.44 1.38 15.90
N VAL D 131 11.35 0.80 15.12
CA VAL D 131 12.08 -0.39 15.54
C VAL D 131 12.89 -0.08 16.80
N LEU D 132 13.54 1.08 16.82
CA LEU D 132 14.35 1.49 17.96
C LEU D 132 13.50 1.73 19.21
N THR D 133 12.39 2.43 19.06
CA THR D 133 11.59 2.86 20.22
C THR D 133 10.56 1.83 20.68
N GLU D 134 9.92 1.13 19.75
CA GLU D 134 8.85 0.21 20.11
C GLU D 134 9.36 -1.20 20.39
N LEU D 135 10.52 -1.54 19.83
CA LEU D 135 11.07 -2.88 20.01
C LEU D 135 12.37 -2.89 20.80
N VAL D 136 13.43 -2.37 20.20
CA VAL D 136 14.77 -2.40 20.79
C VAL D 136 14.82 -1.80 22.20
N SER D 137 14.38 -0.56 22.33
CA SER D 137 14.44 0.14 23.61
C SER D 137 13.56 -0.50 24.67
N LYS D 138 12.44 -1.07 24.24
CA LYS D 138 11.54 -1.75 25.16
C LYS D 138 12.14 -3.07 25.62
N MET D 139 12.79 -3.77 24.68
CA MET D 139 13.50 -5.00 25.00
C MET D 139 14.63 -4.72 25.98
N ARG D 140 15.33 -3.61 25.75
CA ARG D 140 16.42 -3.17 26.61
C ARG D 140 15.94 -2.82 28.02
N ASP D 141 14.90 -2.01 28.12
CA ASP D 141 14.45 -1.47 29.40
C ASP D 141 13.90 -2.55 30.33
N MET D 142 13.26 -3.56 29.76
CA MET D 142 12.71 -4.64 30.58
C MET D 142 13.68 -5.82 30.60
N GLN D 143 14.80 -5.66 29.89
CA GLN D 143 15.83 -6.69 29.78
C GLN D 143 15.26 -8.03 29.35
N MET D 144 14.47 -8.03 28.29
CA MET D 144 13.97 -9.27 27.70
C MET D 144 15.14 -10.20 27.40
N ASP D 145 15.05 -11.44 27.89
CA ASP D 145 16.12 -12.41 27.67
C ASP D 145 15.83 -13.31 26.48
N LYS D 146 16.79 -14.15 26.13
CA LYS D 146 16.68 -15.00 24.95
C LYS D 146 15.60 -16.06 25.09
N THR D 147 15.32 -16.48 26.33
CA THR D 147 14.26 -17.43 26.57
C THR D 147 12.90 -16.78 26.30
N GLU D 148 12.75 -15.54 26.77
CA GLU D 148 11.54 -14.76 26.54
C GLU D 148 11.36 -14.45 25.05
N LEU D 149 12.45 -14.04 24.39
CA LEU D 149 12.44 -13.82 22.95
C LEU D 149 12.04 -15.07 22.19
N GLY D 150 12.62 -16.21 22.59
CA GLY D 150 12.33 -17.49 21.95
C GLY D 150 10.86 -17.84 22.00
N CYS D 151 10.25 -17.67 23.18
CA CYS D 151 8.83 -17.96 23.37
C CYS D 151 7.96 -17.04 22.50
N LEU D 152 8.30 -15.75 22.48
CA LEU D 152 7.55 -14.78 21.69
C LEU D 152 7.62 -15.10 20.20
N ARG D 153 8.80 -15.53 19.74
CA ARG D 153 8.98 -15.92 18.35
C ARG D 153 8.19 -17.18 18.03
N ALA D 154 8.14 -18.11 18.98
CA ALA D 154 7.36 -19.33 18.82
C ALA D 154 5.87 -19.02 18.70
N ILE D 155 5.43 -18.02 19.46
CA ILE D 155 4.03 -17.57 19.39
C ILE D 155 3.75 -16.98 18.02
N VAL D 156 4.68 -16.18 17.52
CA VAL D 156 4.58 -15.59 16.19
C VAL D 156 4.50 -16.69 15.12
N LEU D 157 5.36 -17.69 15.27
CA LEU D 157 5.41 -18.82 14.35
C LEU D 157 4.09 -19.58 14.33
N PHE D 158 3.59 -19.91 15.52
CA PHE D 158 2.30 -20.57 15.66
C PHE D 158 1.17 -19.58 15.47
N ASN D 159 0.97 -19.14 14.23
CA ASN D 159 -0.03 -18.13 13.91
C ASN D 159 -1.25 -18.78 13.24
N PRO D 160 -2.35 -18.94 13.99
CA PRO D 160 -3.55 -19.64 13.51
C PRO D 160 -4.35 -18.82 12.50
N ASP D 161 -3.99 -17.56 12.31
CA ASP D 161 -4.68 -16.72 11.35
C ASP D 161 -4.07 -16.84 9.96
N SER D 162 -2.97 -17.57 9.87
CA SER D 162 -2.28 -17.76 8.59
C SER D 162 -3.21 -18.43 7.58
N LYS D 163 -3.39 -17.78 6.44
CA LYS D 163 -4.35 -18.23 5.45
C LYS D 163 -3.93 -19.55 4.81
N GLY D 164 -4.89 -20.46 4.68
CA GLY D 164 -4.65 -21.73 4.03
C GLY D 164 -4.31 -22.88 4.95
N LEU D 165 -4.20 -22.62 6.26
CA LEU D 165 -3.94 -23.68 7.22
C LEU D 165 -5.05 -24.72 7.20
N SER D 166 -4.65 -26.00 7.17
CA SER D 166 -5.60 -27.10 7.18
C SER D 166 -6.19 -27.30 8.57
N ASN D 167 -5.36 -27.18 9.60
CA ASN D 167 -5.82 -27.32 10.98
C ASN D 167 -5.41 -26.13 11.85
N PRO D 168 -6.14 -25.00 11.75
CA PRO D 168 -5.86 -23.80 12.54
C PRO D 168 -5.99 -24.03 14.05
N ALA D 169 -6.90 -24.92 14.44
CA ALA D 169 -7.14 -25.20 15.84
C ALA D 169 -5.92 -25.82 16.51
N GLU D 170 -5.22 -26.66 15.75
N GLU D 170 -5.20 -26.66 15.75
CA GLU D 170 -4.00 -27.30 16.23
CA GLU D 170 -4.00 -27.30 16.28
C GLU D 170 -2.88 -26.27 16.43
C GLU D 170 -2.87 -26.27 16.43
N VAL D 171 -2.78 -25.34 15.49
CA VAL D 171 -1.79 -24.27 15.57
C VAL D 171 -2.06 -23.36 16.77
N GLU D 172 -3.33 -23.03 16.97
CA GLU D 172 -3.75 -22.21 18.10
C GLU D 172 -3.46 -22.93 19.43
N ALA D 173 -3.69 -24.24 19.44
CA ALA D 173 -3.46 -25.04 20.63
C ALA D 173 -1.97 -25.06 20.99
N LEU D 174 -1.11 -25.13 19.99
CA LEU D 174 0.33 -25.13 20.21
C LEU D 174 0.82 -23.77 20.69
N ARG D 175 0.19 -22.71 20.20
CA ARG D 175 0.48 -21.36 20.63
C ARG D 175 0.18 -21.19 22.12
N GLU D 176 -0.97 -21.71 22.54
CA GLU D 176 -1.38 -21.65 23.93
C GLU D 176 -0.40 -22.36 24.86
N LYS D 177 0.11 -23.51 24.42
CA LYS D 177 1.11 -24.24 25.20
C LYS D 177 2.39 -23.43 25.31
N VAL D 178 2.73 -22.69 24.26
CA VAL D 178 3.91 -21.83 24.28
C VAL D 178 3.77 -20.69 25.29
N TYR D 179 2.65 -19.96 25.26
CA TYR D 179 2.53 -18.80 26.13
C TYR D 179 2.18 -19.18 27.57
N ALA D 180 1.67 -20.38 27.76
CA ALA D 180 1.48 -20.91 29.11
C ALA D 180 2.85 -21.13 29.74
N SER D 181 3.77 -21.65 28.95
CA SER D 181 5.13 -21.91 29.41
C SER D 181 5.89 -20.60 29.63
N LEU D 182 5.61 -19.60 28.81
CA LEU D 182 6.25 -18.30 28.94
C LEU D 182 5.79 -17.60 30.21
N GLU D 183 4.49 -17.73 30.51
CA GLU D 183 3.93 -17.16 31.72
C GLU D 183 4.56 -17.79 32.95
N ALA D 184 4.70 -19.11 32.93
CA ALA D 184 5.34 -19.84 34.01
C ALA D 184 6.78 -19.38 34.22
N TYR D 185 7.47 -19.12 33.11
CA TYR D 185 8.85 -18.64 33.16
C TYR D 185 8.96 -17.27 33.80
N CYS D 186 8.10 -16.34 33.35
CA CYS D 186 8.11 -14.97 33.85
C CYS D 186 7.78 -14.92 35.34
N LYS D 187 6.87 -15.77 35.77
CA LYS D 187 6.43 -15.80 37.17
C LYS D 187 7.57 -16.14 38.12
N HIS D 188 8.47 -17.02 37.70
CA HIS D 188 9.55 -17.48 38.58
C HIS D 188 10.83 -16.66 38.45
N LYS D 189 11.05 -16.07 37.28
CA LYS D 189 12.23 -15.23 37.08
C LYS D 189 11.98 -13.82 37.62
N TYR D 190 10.75 -13.36 37.47
CA TYR D 190 10.34 -12.05 37.97
C TYR D 190 9.02 -12.08 38.73
N PRO D 191 9.01 -12.75 39.90
CA PRO D 191 7.78 -12.82 40.70
C PRO D 191 7.28 -11.43 41.10
N GLU D 192 8.21 -10.50 41.24
CA GLU D 192 7.88 -9.13 41.62
C GLU D 192 7.37 -8.30 40.43
N GLN D 193 7.34 -8.90 39.24
CA GLN D 193 6.79 -8.24 38.07
C GLN D 193 5.62 -9.04 37.50
N PRO D 194 4.45 -8.94 38.16
CA PRO D 194 3.29 -9.75 37.77
C PRO D 194 2.76 -9.41 36.39
N GLY D 195 3.04 -8.20 35.92
CA GLY D 195 2.59 -7.76 34.61
C GLY D 195 3.55 -8.04 33.47
N ARG D 196 4.65 -8.73 33.77
CA ARG D 196 5.71 -8.94 32.78
C ARG D 196 5.24 -9.79 31.60
N PHE D 197 4.53 -10.87 31.91
CA PHE D 197 4.04 -11.78 30.88
C PHE D 197 3.14 -11.06 29.87
N ALA D 198 2.18 -10.30 30.38
CA ALA D 198 1.30 -9.50 29.53
C ALA D 198 2.09 -8.44 28.77
N LYS D 199 3.07 -7.85 29.46
CA LYS D 199 3.91 -6.81 28.87
C LYS D 199 4.69 -7.35 27.67
N LEU D 200 5.13 -8.60 27.77
CA LEU D 200 5.80 -9.26 26.65
C LEU D 200 4.87 -9.46 25.47
N LEU D 201 3.67 -9.97 25.74
CA LEU D 201 2.68 -10.23 24.69
C LEU D 201 2.26 -8.96 23.97
N LEU D 202 2.30 -7.84 24.68
CA LEU D 202 1.82 -6.57 24.13
C LEU D 202 2.87 -5.84 23.31
N ARG D 203 3.98 -6.52 23.02
CA ARG D 203 4.93 -6.01 22.03
C ARG D 203 4.63 -6.59 20.66
N LEU D 204 3.81 -7.64 20.65
CA LEU D 204 3.46 -8.32 19.40
C LEU D 204 2.61 -7.49 18.44
N PRO D 205 1.65 -6.68 18.95
CA PRO D 205 0.99 -5.76 18.02
C PRO D 205 1.98 -4.81 17.34
N ALA D 206 2.97 -4.34 18.10
CA ALA D 206 3.97 -3.42 17.56
C ALA D 206 4.84 -4.12 16.52
N LEU D 207 5.24 -5.36 16.83
CA LEU D 207 5.99 -6.19 15.90
C LEU D 207 5.22 -6.41 14.60
N ARG D 208 3.92 -6.67 14.72
CA ARG D 208 3.06 -6.91 13.56
C ARG D 208 3.02 -5.72 12.60
N SER D 209 2.78 -4.54 13.15
CA SER D 209 2.65 -3.32 12.33
C SER D 209 4.00 -2.87 11.79
N ILE D 210 5.06 -3.07 12.57
CA ILE D 210 6.40 -2.72 12.14
C ILE D 210 6.84 -3.65 10.99
N GLY D 211 6.50 -4.92 11.11
CA GLY D 211 6.76 -5.89 10.05
C GLY D 211 6.06 -5.49 8.76
N LEU D 212 4.81 -5.07 8.88
CA LEU D 212 4.03 -4.68 7.72
C LEU D 212 4.57 -3.40 7.09
N LYS D 213 4.92 -2.43 7.92
CA LYS D 213 5.41 -1.15 7.44
C LYS D 213 6.79 -1.31 6.79
N CYS D 214 7.58 -2.24 7.31
CA CYS D 214 8.89 -2.55 6.75
C CYS D 214 8.80 -3.01 5.30
N LEU D 215 7.92 -3.98 5.04
CA LEU D 215 7.74 -4.52 3.70
C LEU D 215 7.20 -3.48 2.73
N GLU D 216 6.28 -2.65 3.21
N GLU D 216 6.28 -2.64 3.21
CA GLU D 216 5.64 -1.66 2.37
CA GLU D 216 5.65 -1.65 2.37
C GLU D 216 6.59 -0.49 2.04
C GLU D 216 6.59 -0.48 2.04
N HIS D 217 7.61 -0.31 2.86
CA HIS D 217 8.59 0.76 2.63
C HIS D 217 9.90 0.25 2.04
N LEU D 218 9.94 -1.02 1.66
CA LEU D 218 11.15 -1.66 1.14
C LEU D 218 12.31 -1.40 2.09
N PHE D 219 12.02 -1.56 3.37
CA PHE D 219 12.95 -1.30 4.47
C PHE D 219 14.33 -1.90 4.26
N PHE D 220 14.37 -3.19 3.97
CA PHE D 220 15.63 -3.90 3.85
C PHE D 220 16.40 -3.51 2.58
N PHE D 221 15.70 -3.39 1.46
CA PHE D 221 16.32 -2.92 0.22
C PHE D 221 16.96 -1.56 0.39
N LYS D 222 16.23 -0.62 0.98
CA LYS D 222 16.72 0.75 1.09
C LYS D 222 17.89 0.85 2.06
N LEU D 223 17.98 -0.10 2.98
CA LEU D 223 19.06 -0.08 3.96
C LEU D 223 20.30 -0.85 3.51
N ILE D 224 20.11 -1.97 2.82
CA ILE D 224 21.26 -2.81 2.46
C ILE D 224 21.35 -3.14 0.97
N GLY D 225 20.27 -2.90 0.22
CA GLY D 225 20.26 -3.20 -1.20
C GLY D 225 20.57 -2.03 -2.11
N ASP D 226 20.26 -0.82 -1.65
CA ASP D 226 20.34 0.38 -2.48
C ASP D 226 21.68 0.59 -3.19
N THR D 227 22.75 0.74 -2.42
CA THR D 227 24.07 0.98 -2.99
C THR D 227 24.62 -0.20 -3.81
N PRO D 228 24.48 -1.45 -3.31
CA PRO D 228 24.92 -2.57 -4.14
C PRO D 228 24.27 -2.63 -5.53
N ILE D 229 23.04 -2.15 -5.64
CA ILE D 229 22.32 -2.17 -6.92
C ILE D 229 22.92 -1.13 -7.87
N ASP D 230 23.27 0.04 -7.35
CA ASP D 230 24.01 1.03 -8.13
C ASP D 230 25.31 0.46 -8.67
N THR D 231 26.06 -0.19 -7.78
CA THR D 231 27.32 -0.83 -8.13
C THR D 231 27.07 -1.92 -9.17
N PHE D 232 26.05 -2.73 -8.90
CA PHE D 232 25.59 -3.78 -9.81
C PHE D 232 25.36 -3.23 -11.21
N LEU D 233 24.50 -2.22 -11.30
CA LEU D 233 24.15 -1.60 -12.57
C LEU D 233 25.33 -0.95 -13.27
N MET D 234 26.20 -0.30 -12.50
CA MET D 234 27.39 0.33 -13.05
C MET D 234 28.29 -0.71 -13.70
N GLU D 235 28.43 -1.85 -13.04
CA GLU D 235 29.22 -2.97 -13.55
C GLU D 235 28.64 -3.51 -14.86
N MET D 236 27.31 -3.61 -14.91
CA MET D 236 26.63 -4.04 -16.13
C MET D 236 26.88 -3.07 -17.28
N LEU D 237 26.90 -1.78 -16.96
CA LEU D 237 27.14 -0.73 -17.94
C LEU D 237 28.60 -0.73 -18.40
N GLU D 238 29.46 -1.35 -17.61
CA GLU D 238 30.87 -1.42 -17.91
C GLU D 238 31.15 -2.56 -18.89
N ALA D 239 30.17 -3.44 -19.05
CA ALA D 239 30.26 -4.56 -19.97
C ALA D 239 30.40 -4.07 -21.41
N PRO D 240 30.96 -4.91 -22.29
CA PRO D 240 31.19 -4.49 -23.69
C PRO D 240 29.89 -4.16 -24.42
#